data_1AXH
#
_entry.id   1AXH
#
_cell.length_a   1.000
_cell.length_b   1.000
_cell.length_c   1.000
_cell.angle_alpha   90.00
_cell.angle_beta   90.00
_cell.angle_gamma   90.00
#
_symmetry.space_group_name_H-M   'P 1'
#
_entity_poly.entity_id   1
_entity_poly.type   'polypeptide(L)'
_entity_poly.pdbx_seq_one_letter_code
;SPTCIPSGQPCPYNENCCSQSCTFKENENGNTVKRCD
;
_entity_poly.pdbx_strand_id   A
#
# COMPACT_ATOMS: atom_id res chain seq x y z
N SER A 1 16.90 0.88 0.25
CA SER A 1 16.88 1.23 -1.20
C SER A 1 15.46 1.41 -1.69
N PRO A 2 15.28 2.21 -2.74
CA PRO A 2 13.96 2.49 -3.32
C PRO A 2 13.45 1.34 -4.18
N THR A 3 13.08 0.24 -3.54
CA THR A 3 12.57 -0.93 -4.25
C THR A 3 11.06 -1.01 -4.08
N CYS A 4 10.51 -2.22 -4.19
CA CYS A 4 9.08 -2.42 -4.05
C CYS A 4 8.62 -1.99 -2.66
N ILE A 5 7.35 -1.64 -2.54
CA ILE A 5 6.79 -1.20 -1.26
C ILE A 5 6.50 -2.41 -0.39
N PRO A 6 7.07 -2.44 0.82
CA PRO A 6 6.87 -3.55 1.76
C PRO A 6 5.52 -3.49 2.45
N SER A 7 5.07 -4.65 2.94
CA SER A 7 3.79 -4.75 3.62
C SER A 7 3.68 -3.72 4.74
N GLY A 8 2.51 -3.10 4.86
CA GLY A 8 2.27 -2.10 5.89
C GLY A 8 2.53 -0.69 5.35
N GLN A 9 3.26 -0.61 4.25
CA GLN A 9 3.59 0.67 3.64
C GLN A 9 2.54 1.04 2.59
N PRO A 10 2.41 2.33 2.27
CA PRO A 10 1.44 2.81 1.29
C PRO A 10 1.87 2.54 -0.15
N CYS A 11 0.97 1.92 -0.92
CA CYS A 11 1.25 1.59 -2.32
C CYS A 11 0.26 2.30 -3.23
N PRO A 12 0.74 2.80 -4.38
CA PRO A 12 -0.11 3.50 -5.35
C PRO A 12 -0.94 2.52 -6.18
N TYR A 13 -0.32 1.43 -6.60
CA TYR A 13 -1.01 0.41 -7.38
C TYR A 13 -0.54 -0.97 -6.96
N ASN A 14 -1.30 -2.00 -7.35
CA ASN A 14 -0.94 -3.37 -7.03
C ASN A 14 0.31 -3.80 -7.79
N GLU A 15 0.73 -2.96 -8.73
CA GLU A 15 1.92 -3.25 -9.54
C GLU A 15 3.16 -2.63 -8.91
N ASN A 16 3.02 -2.13 -7.69
CA ASN A 16 4.14 -1.52 -6.99
C ASN A 16 4.32 -2.12 -5.60
N CYS A 17 3.59 -3.20 -5.34
CA CYS A 17 3.67 -3.88 -4.04
C CYS A 17 4.73 -4.97 -4.07
N CYS A 18 5.40 -5.16 -2.95
CA CYS A 18 6.42 -6.18 -2.83
C CYS A 18 5.77 -7.55 -2.99
N SER A 19 4.56 -7.67 -2.46
CA SER A 19 3.80 -8.90 -2.53
C SER A 19 2.89 -8.89 -3.76
N GLN A 20 2.89 -7.76 -4.48
CA GLN A 20 2.06 -7.60 -5.67
C GLN A 20 0.58 -7.53 -5.30
N SER A 21 0.30 -7.41 -4.00
CA SER A 21 -1.08 -7.34 -3.53
C SER A 21 -1.33 -6.04 -2.79
N CYS A 22 -2.03 -5.10 -3.45
CA CYS A 22 -2.35 -3.81 -2.84
C CYS A 22 -3.78 -3.83 -2.32
N THR A 23 -4.02 -3.10 -1.23
CA THR A 23 -5.35 -3.05 -0.63
C THR A 23 -5.70 -1.61 -0.26
N PHE A 24 -6.91 -1.41 0.26
CA PHE A 24 -7.37 -0.08 0.66
C PHE A 24 -7.75 -0.07 2.14
N LYS A 25 -7.04 0.72 2.93
CA LYS A 25 -7.31 0.81 4.36
C LYS A 25 -7.70 2.24 4.73
N GLU A 26 -8.46 2.38 5.81
CA GLU A 26 -8.91 3.70 6.25
C GLU A 26 -7.91 4.31 7.23
N ASN A 27 -7.70 5.61 7.11
CA ASN A 27 -6.77 6.34 7.98
C ASN A 27 -7.53 6.98 9.13
N GLU A 28 -6.85 7.85 9.87
CA GLU A 28 -7.45 8.55 10.99
C GLU A 28 -8.07 9.85 10.52
N ASN A 29 -7.60 10.34 9.38
CA ASN A 29 -8.11 11.58 8.80
C ASN A 29 -9.55 11.40 8.34
N GLY A 30 -9.99 10.15 8.27
CA GLY A 30 -11.34 9.83 7.85
C GLY A 30 -11.39 9.52 6.36
N ASN A 31 -10.22 9.30 5.77
CA ASN A 31 -10.12 8.99 4.36
C ASN A 31 -9.73 7.53 4.16
N THR A 32 -9.46 7.14 2.92
CA THR A 32 -9.08 5.78 2.61
C THR A 32 -7.98 5.77 1.55
N VAL A 33 -6.84 5.17 1.89
CA VAL A 33 -5.72 5.08 0.96
C VAL A 33 -5.41 3.63 0.67
N LYS A 34 -4.35 3.38 -0.10
CA LYS A 34 -3.97 2.03 -0.45
C LYS A 34 -2.63 1.67 0.17
N ARG A 35 -2.54 0.47 0.74
CA ARG A 35 -1.31 -0.01 1.36
C ARG A 35 -0.87 -1.32 0.72
N CYS A 36 0.14 -1.95 1.32
CA CYS A 36 0.64 -3.22 0.80
C CYS A 36 0.26 -4.36 1.74
N ASP A 37 -0.01 -5.52 1.15
CA ASP A 37 -0.39 -6.70 1.92
C ASP A 37 0.83 -7.30 2.61
N SER A 1 13.05 5.21 -4.94
CA SER A 1 12.38 3.89 -4.72
C SER A 1 12.95 2.86 -5.68
N PRO A 2 14.05 2.20 -5.29
CA PRO A 2 14.71 1.18 -6.11
C PRO A 2 14.03 -0.18 -5.98
N THR A 3 13.55 -0.48 -4.78
CA THR A 3 12.88 -1.75 -4.52
C THR A 3 11.38 -1.55 -4.42
N CYS A 4 10.64 -2.65 -4.30
CA CYS A 4 9.19 -2.60 -4.20
C CYS A 4 8.76 -2.08 -2.84
N ILE A 5 7.46 -1.87 -2.67
CA ILE A 5 6.91 -1.37 -1.42
C ILE A 5 6.52 -2.52 -0.51
N PRO A 6 7.24 -2.71 0.60
CA PRO A 6 6.95 -3.79 1.55
C PRO A 6 5.69 -3.53 2.35
N SER A 7 5.11 -4.61 2.87
CA SER A 7 3.88 -4.53 3.65
C SER A 7 3.98 -3.43 4.70
N GLY A 8 2.86 -2.76 4.97
CA GLY A 8 2.81 -1.69 5.95
C GLY A 8 3.05 -0.33 5.28
N GLN A 9 3.69 -0.35 4.13
CA GLN A 9 3.97 0.88 3.39
C GLN A 9 2.88 1.16 2.37
N PRO A 10 2.71 2.44 1.98
CA PRO A 10 1.69 2.84 1.00
C PRO A 10 2.11 2.47 -0.42
N CYS A 11 1.14 2.00 -1.20
CA CYS A 11 1.41 1.60 -2.59
C CYS A 11 0.36 2.18 -3.53
N PRO A 12 0.78 2.62 -4.72
CA PRO A 12 -0.12 3.19 -5.73
C PRO A 12 -0.89 2.10 -6.47
N TYR A 13 -0.17 1.29 -7.25
CA TYR A 13 -0.78 0.20 -8.01
C TYR A 13 -0.45 -1.12 -7.36
N ASN A 14 -1.25 -2.14 -7.66
CA ASN A 14 -1.02 -3.47 -7.11
C ASN A 14 0.21 -4.10 -7.77
N GLU A 15 0.79 -3.39 -8.74
CA GLU A 15 1.98 -3.87 -9.44
C GLU A 15 3.24 -3.21 -8.90
N ASN A 16 3.09 -2.44 -7.83
CA ASN A 16 4.23 -1.75 -7.23
C ASN A 16 4.55 -2.31 -5.85
N CYS A 17 3.66 -3.15 -5.34
CA CYS A 17 3.84 -3.77 -4.03
C CYS A 17 4.77 -4.97 -4.13
N CYS A 18 5.54 -5.20 -3.07
CA CYS A 18 6.46 -6.32 -3.04
C CYS A 18 5.71 -7.63 -3.24
N SER A 19 4.53 -7.72 -2.62
CA SER A 19 3.69 -8.89 -2.74
C SER A 19 2.75 -8.75 -3.93
N GLN A 20 2.69 -7.55 -4.50
CA GLN A 20 1.82 -7.27 -5.64
C GLN A 20 0.38 -7.14 -5.20
N SER A 21 0.16 -7.19 -3.89
CA SER A 21 -1.19 -7.09 -3.33
C SER A 21 -1.40 -5.72 -2.70
N CYS A 22 -2.05 -4.82 -3.45
CA CYS A 22 -2.33 -3.48 -2.95
C CYS A 22 -3.78 -3.40 -2.46
N THR A 23 -3.98 -2.74 -1.33
CA THR A 23 -5.32 -2.62 -0.75
C THR A 23 -5.60 -1.18 -0.33
N PHE A 24 -6.82 -0.93 0.11
CA PHE A 24 -7.24 0.38 0.57
C PHE A 24 -7.66 0.32 2.03
N LYS A 25 -6.84 0.90 2.90
CA LYS A 25 -7.13 0.89 4.34
C LYS A 25 -7.72 2.23 4.76
N GLU A 26 -8.63 2.20 5.74
CA GLU A 26 -9.26 3.41 6.23
C GLU A 26 -8.45 4.00 7.38
N ASN A 27 -8.31 5.32 7.38
CA ASN A 27 -7.56 6.01 8.43
C ASN A 27 -8.50 6.64 9.45
N GLU A 28 -7.93 7.39 10.37
CA GLU A 28 -8.70 8.06 11.41
C GLU A 28 -9.10 9.45 10.94
N ASN A 29 -8.27 10.05 10.09
CA ASN A 29 -8.53 11.38 9.56
C ASN A 29 -9.95 11.44 9.02
N GLY A 30 -10.44 10.32 8.52
CA GLY A 30 -11.78 10.24 7.98
C GLY A 30 -11.74 10.01 6.47
N ASN A 31 -10.68 9.36 6.00
CA ASN A 31 -10.53 9.08 4.58
C ASN A 31 -9.96 7.68 4.39
N THR A 32 -9.52 7.38 3.17
CA THR A 32 -8.96 6.07 2.86
C THR A 32 -7.77 6.20 1.91
N VAL A 33 -6.74 5.39 2.17
CA VAL A 33 -5.53 5.40 1.36
C VAL A 33 -5.22 3.98 0.92
N LYS A 34 -4.16 3.81 0.14
CA LYS A 34 -3.77 2.48 -0.33
C LYS A 34 -2.47 2.04 0.30
N ARG A 35 -2.51 0.90 0.99
CA ARG A 35 -1.33 0.35 1.64
C ARG A 35 -0.95 -0.98 1.00
N CYS A 36 0.08 -1.62 1.55
CA CYS A 36 0.56 -2.90 1.04
C CYS A 36 0.20 -4.02 2.01
N ASP A 37 -0.41 -5.08 1.49
CA ASP A 37 -0.80 -6.22 2.30
C ASP A 37 0.44 -6.96 2.78
N SER A 1 16.68 -6.91 -3.23
CA SER A 1 17.01 -5.52 -2.79
C SER A 1 15.73 -4.79 -2.40
N PRO A 2 15.85 -3.83 -1.46
CA PRO A 2 14.70 -3.04 -0.99
C PRO A 2 14.30 -1.95 -1.97
N THR A 3 13.29 -2.23 -2.79
CA THR A 3 12.81 -1.27 -3.78
C THR A 3 11.29 -1.24 -3.78
N CYS A 4 10.68 -2.42 -3.84
CA CYS A 4 9.24 -2.54 -3.84
C CYS A 4 8.66 -2.09 -2.50
N ILE A 5 7.37 -1.75 -2.51
CA ILE A 5 6.70 -1.30 -1.30
C ILE A 5 6.31 -2.50 -0.45
N PRO A 6 6.88 -2.59 0.76
CA PRO A 6 6.60 -3.70 1.68
C PRO A 6 5.26 -3.55 2.37
N SER A 7 4.74 -4.68 2.86
CA SER A 7 3.45 -4.69 3.54
C SER A 7 3.39 -3.64 4.64
N GLY A 8 2.32 -2.84 4.64
CA GLY A 8 2.13 -1.79 5.64
C GLY A 8 2.44 -0.42 5.06
N GLN A 9 3.20 -0.38 3.98
CA GLN A 9 3.58 0.87 3.34
C GLN A 9 2.55 1.24 2.27
N PRO A 10 2.43 2.54 1.95
CA PRO A 10 1.47 3.03 0.95
C PRO A 10 1.92 2.75 -0.47
N CYS A 11 1.08 2.03 -1.22
CA CYS A 11 1.37 1.68 -2.60
C CYS A 11 0.31 2.27 -3.52
N PRO A 12 0.73 2.81 -4.69
CA PRO A 12 -0.19 3.41 -5.66
C PRO A 12 -0.91 2.35 -6.50
N TYR A 13 -0.15 1.37 -6.97
CA TYR A 13 -0.70 0.30 -7.79
C TYR A 13 -0.30 -1.06 -7.22
N ASN A 14 -1.07 -2.09 -7.57
CA ASN A 14 -0.77 -3.44 -7.11
C ASN A 14 0.50 -3.96 -7.75
N GLU A 15 1.04 -3.20 -8.70
CA GLU A 15 2.26 -3.57 -9.41
C GLU A 15 3.48 -3.03 -8.69
N ASN A 16 3.27 -2.07 -7.79
CA ASN A 16 4.36 -1.47 -7.04
C ASN A 16 4.48 -2.11 -5.66
N CYS A 17 3.73 -3.18 -5.43
CA CYS A 17 3.76 -3.88 -4.14
C CYS A 17 4.79 -5.00 -4.18
N CYS A 18 5.42 -5.25 -3.03
CA CYS A 18 6.41 -6.31 -2.92
C CYS A 18 5.74 -7.64 -3.19
N SER A 19 4.52 -7.76 -2.71
CA SER A 19 3.73 -8.97 -2.89
C SER A 19 2.83 -8.84 -4.13
N GLN A 20 2.85 -7.65 -4.73
CA GLN A 20 2.04 -7.39 -5.91
C GLN A 20 0.56 -7.27 -5.54
N SER A 21 0.28 -7.26 -4.23
CA SER A 21 -1.08 -7.16 -3.75
C SER A 21 -1.32 -5.86 -3.00
N CYS A 22 -1.97 -4.90 -3.64
CA CYS A 22 -2.26 -3.61 -3.02
C CYS A 22 -3.70 -3.59 -2.52
N THR A 23 -3.88 -3.11 -1.29
CA THR A 23 -5.20 -3.04 -0.68
C THR A 23 -5.52 -1.61 -0.24
N PHE A 24 -6.74 -1.41 0.27
CA PHE A 24 -7.16 -0.08 0.72
C PHE A 24 -7.44 -0.11 2.22
N LYS A 25 -6.66 0.64 2.98
CA LYS A 25 -6.83 0.71 4.43
C LYS A 25 -7.49 2.03 4.82
N GLU A 26 -8.11 2.06 5.99
CA GLU A 26 -8.78 3.27 6.45
C GLU A 26 -7.91 4.02 7.46
N ASN A 27 -7.90 5.34 7.34
CA ASN A 27 -7.12 6.19 8.22
C ASN A 27 -8.01 6.77 9.32
N GLU A 28 -7.41 7.57 10.19
CA GLU A 28 -8.14 8.21 11.27
C GLU A 28 -8.68 9.56 10.83
N ASN A 29 -8.15 10.06 9.72
CA ASN A 29 -8.57 11.36 9.18
C ASN A 29 -9.98 11.25 8.62
N GLY A 30 -10.46 10.02 8.47
CA GLY A 30 -11.80 9.78 7.95
C GLY A 30 -11.76 9.52 6.45
N ASN A 31 -10.59 9.10 5.97
CA ASN A 31 -10.40 8.81 4.55
C ASN A 31 -9.86 7.39 4.39
N THR A 32 -9.50 7.04 3.17
CA THR A 32 -8.95 5.72 2.89
C THR A 32 -7.82 5.80 1.89
N VAL A 33 -6.71 5.13 2.19
CA VAL A 33 -5.56 5.12 1.31
C VAL A 33 -5.28 3.69 0.87
N LYS A 34 -4.23 3.51 0.07
CA LYS A 34 -3.89 2.17 -0.41
C LYS A 34 -2.51 1.77 0.12
N ARG A 35 -2.45 0.62 0.79
CA ARG A 35 -1.20 0.12 1.34
C ARG A 35 -0.82 -1.19 0.67
N CYS A 36 0.20 -1.84 1.20
CA CYS A 36 0.68 -3.11 0.64
C CYS A 36 0.28 -4.26 1.54
N ASP A 37 0.03 -5.43 0.93
CA ASP A 37 -0.38 -6.62 1.68
C ASP A 37 0.84 -7.42 2.10
N SER A 1 12.65 -2.08 2.78
CA SER A 1 12.11 -1.17 1.71
C SER A 1 13.21 -0.83 0.73
N PRO A 2 13.57 -1.78 -0.15
CA PRO A 2 14.62 -1.58 -1.16
C PRO A 2 14.12 -0.75 -2.33
N THR A 3 12.94 -1.07 -2.82
CA THR A 3 12.34 -0.35 -3.93
C THR A 3 10.82 -0.51 -3.91
N CYS A 4 10.37 -1.75 -3.78
CA CYS A 4 8.95 -2.05 -3.74
C CYS A 4 8.38 -1.68 -2.38
N ILE A 5 7.06 -1.44 -2.34
CA ILE A 5 6.38 -1.08 -1.10
C ILE A 5 6.12 -2.32 -0.27
N PRO A 6 6.84 -2.48 0.84
CA PRO A 6 6.67 -3.64 1.74
C PRO A 6 5.35 -3.60 2.49
N SER A 7 4.91 -4.77 2.93
CA SER A 7 3.65 -4.89 3.67
C SER A 7 3.58 -3.87 4.79
N GLY A 8 2.51 -3.09 4.81
CA GLY A 8 2.32 -2.07 5.85
C GLY A 8 2.67 -0.68 5.32
N GLN A 9 3.13 -0.61 4.08
CA GLN A 9 3.50 0.67 3.48
C GLN A 9 2.45 1.09 2.44
N PRO A 10 2.35 2.40 2.17
CA PRO A 10 1.39 2.93 1.19
C PRO A 10 1.81 2.66 -0.24
N CYS A 11 0.98 1.90 -0.96
CA CYS A 11 1.27 1.57 -2.36
C CYS A 11 0.29 2.26 -3.28
N PRO A 12 0.77 2.72 -4.44
CA PRO A 12 -0.07 3.42 -5.43
C PRO A 12 -0.94 2.44 -6.22
N TYR A 13 -0.33 1.34 -6.65
CA TYR A 13 -1.04 0.32 -7.40
C TYR A 13 -0.53 -1.07 -7.01
N ASN A 14 -1.27 -2.10 -7.41
CA ASN A 14 -0.88 -3.47 -7.10
C ASN A 14 0.39 -3.83 -7.88
N GLU A 15 0.80 -2.96 -8.78
CA GLU A 15 1.99 -3.19 -9.59
C GLU A 15 3.20 -2.50 -8.98
N ASN A 16 3.08 -2.11 -7.72
CA ASN A 16 4.17 -1.43 -7.02
C ASN A 16 4.34 -1.99 -5.62
N CYS A 17 3.72 -3.14 -5.37
CA CYS A 17 3.81 -3.79 -4.06
C CYS A 17 4.88 -4.88 -4.07
N CYS A 18 5.55 -5.03 -2.93
CA CYS A 18 6.58 -6.05 -2.80
C CYS A 18 5.98 -7.42 -3.04
N SER A 19 4.77 -7.61 -2.52
CA SER A 19 4.04 -8.85 -2.67
C SER A 19 3.13 -8.79 -3.90
N GLN A 20 3.13 -7.65 -4.57
CA GLN A 20 2.31 -7.44 -5.76
C GLN A 20 0.83 -7.40 -5.39
N SER A 21 0.55 -7.42 -4.08
CA SER A 21 -0.83 -7.38 -3.61
C SER A 21 -1.12 -6.08 -2.87
N CYS A 22 -1.88 -5.19 -3.51
CA CYS A 22 -2.22 -3.90 -2.91
C CYS A 22 -3.64 -3.95 -2.35
N THR A 23 -3.92 -3.10 -1.37
CA THR A 23 -5.24 -3.06 -0.75
C THR A 23 -5.59 -1.62 -0.37
N PHE A 24 -6.80 -1.42 0.16
CA PHE A 24 -7.26 -0.10 0.58
C PHE A 24 -7.63 -0.11 2.05
N LYS A 25 -6.92 0.69 2.85
CA LYS A 25 -7.19 0.77 4.28
C LYS A 25 -7.61 2.19 4.66
N GLU A 26 -8.46 2.30 5.67
CA GLU A 26 -8.94 3.59 6.11
C GLU A 26 -8.02 4.19 7.18
N ASN A 27 -7.80 5.49 7.10
CA ASN A 27 -6.95 6.18 8.05
C ASN A 27 -7.78 6.83 9.15
N GLU A 28 -7.14 7.66 9.96
CA GLU A 28 -7.81 8.35 11.05
C GLU A 28 -8.34 9.69 10.57
N ASN A 29 -7.71 10.22 9.53
CA ASN A 29 -8.12 11.50 8.96
C ASN A 29 -9.55 11.42 8.45
N GLY A 30 -10.01 10.21 8.20
CA GLY A 30 -11.36 9.98 7.72
C GLY A 30 -11.36 9.68 6.22
N ASN A 31 -10.20 9.34 5.69
CA ASN A 31 -10.05 9.03 4.28
C ASN A 31 -9.67 7.57 4.10
N THR A 32 -9.38 7.18 2.86
CA THR A 32 -8.99 5.81 2.56
C THR A 32 -7.88 5.79 1.51
N VAL A 33 -6.76 5.15 1.85
CA VAL A 33 -5.62 5.06 0.94
C VAL A 33 -5.34 3.60 0.62
N LYS A 34 -4.25 3.35 -0.09
CA LYS A 34 -3.87 1.99 -0.46
C LYS A 34 -2.53 1.63 0.18
N ARG A 35 -2.43 0.42 0.71
CA ARG A 35 -1.21 -0.05 1.33
C ARG A 35 -0.78 -1.38 0.71
N CYS A 36 0.20 -2.04 1.32
CA CYS A 36 0.70 -3.31 0.81
C CYS A 36 0.30 -4.45 1.74
N ASP A 37 0.03 -5.61 1.14
CA ASP A 37 -0.37 -6.79 1.91
C ASP A 37 0.86 -7.44 2.55
N SER A 1 12.15 -6.51 -1.64
CA SER A 1 13.22 -5.54 -2.00
C SER A 1 12.89 -4.17 -1.42
N PRO A 2 13.92 -3.30 -1.31
CA PRO A 2 13.74 -1.95 -0.76
C PRO A 2 13.13 -1.00 -1.79
N THR A 3 13.04 -1.46 -3.03
CA THR A 3 12.46 -0.66 -4.10
C THR A 3 10.94 -0.73 -4.04
N CYS A 4 10.42 -1.94 -3.94
CA CYS A 4 8.98 -2.16 -3.87
C CYS A 4 8.47 -1.81 -2.49
N ILE A 5 7.18 -1.49 -2.40
CA ILE A 5 6.56 -1.14 -1.12
C ILE A 5 6.25 -2.39 -0.33
N PRO A 6 6.90 -2.56 0.82
CA PRO A 6 6.70 -3.73 1.68
C PRO A 6 5.37 -3.66 2.42
N SER A 7 4.89 -4.81 2.86
CA SER A 7 3.62 -4.89 3.59
C SER A 7 3.59 -3.91 4.75
N GLY A 8 2.60 -3.03 4.75
CA GLY A 8 2.45 -2.03 5.81
C GLY A 8 2.62 -0.62 5.27
N GLN A 9 3.39 -0.49 4.20
CA GLN A 9 3.65 0.82 3.59
C GLN A 9 2.60 1.12 2.52
N PRO A 10 2.42 2.40 2.17
CA PRO A 10 1.44 2.82 1.17
C PRO A 10 1.91 2.55 -0.26
N CYS A 11 1.01 1.98 -1.07
CA CYS A 11 1.32 1.66 -2.45
C CYS A 11 0.33 2.36 -3.38
N PRO A 12 0.82 2.87 -4.53
CA PRO A 12 -0.01 3.57 -5.51
C PRO A 12 -0.85 2.59 -6.34
N TYR A 13 -0.24 1.46 -6.69
CA TYR A 13 -0.92 0.43 -7.47
C TYR A 13 -0.47 -0.95 -7.02
N ASN A 14 -1.24 -1.97 -7.41
CA ASN A 14 -0.92 -3.34 -7.06
C ASN A 14 0.32 -3.81 -7.83
N GLU A 15 0.77 -2.98 -8.77
CA GLU A 15 1.94 -3.29 -9.58
C GLU A 15 3.20 -2.68 -8.98
N ASN A 16 3.07 -2.13 -7.76
CA ASN A 16 4.21 -1.52 -7.09
C ASN A 16 4.38 -2.11 -5.69
N CYS A 17 3.63 -3.16 -5.39
CA CYS A 17 3.71 -3.82 -4.09
C CYS A 17 4.76 -4.91 -4.11
N CYS A 18 5.46 -5.07 -2.99
CA CYS A 18 6.48 -6.10 -2.87
C CYS A 18 5.85 -7.47 -3.06
N SER A 19 4.64 -7.62 -2.54
CA SER A 19 3.89 -8.86 -2.64
C SER A 19 3.01 -8.85 -3.88
N GLN A 20 2.94 -7.70 -4.55
CA GLN A 20 2.12 -7.54 -5.75
C GLN A 20 0.65 -7.44 -5.39
N SER A 21 0.35 -7.37 -4.08
CA SER A 21 -1.03 -7.28 -3.62
C SER A 21 -1.25 -5.97 -2.87
N CYS A 22 -1.99 -5.06 -3.49
CA CYS A 22 -2.30 -3.77 -2.87
C CYS A 22 -3.72 -3.78 -2.33
N THR A 23 -3.92 -3.15 -1.18
CA THR A 23 -5.24 -3.11 -0.54
C THR A 23 -5.60 -1.67 -0.16
N PHE A 24 -6.80 -1.48 0.39
CA PHE A 24 -7.26 -0.16 0.79
C PHE A 24 -7.62 -0.16 2.27
N LYS A 25 -6.93 0.67 3.06
CA LYS A 25 -7.18 0.78 4.49
C LYS A 25 -7.69 2.18 4.83
N GLU A 26 -8.44 2.29 5.92
CA GLU A 26 -8.99 3.56 6.35
C GLU A 26 -8.13 4.20 7.44
N ASN A 27 -7.95 5.51 7.36
CA ASN A 27 -7.16 6.25 8.34
C ASN A 27 -8.06 6.86 9.39
N GLU A 28 -7.48 7.71 10.23
CA GLU A 28 -8.23 8.39 11.28
C GLU A 28 -8.78 9.71 10.75
N ASN A 29 -8.18 10.20 9.67
CA ASN A 29 -8.60 11.46 9.07
C ASN A 29 -9.98 11.31 8.45
N GLY A 30 -10.43 10.06 8.32
CA GLY A 30 -11.73 9.77 7.74
C GLY A 30 -11.61 9.50 6.24
N ASN A 31 -10.38 9.26 5.79
CA ASN A 31 -10.12 8.97 4.39
C ASN A 31 -9.71 7.52 4.22
N THR A 32 -9.41 7.14 2.98
CA THR A 32 -8.99 5.77 2.69
C THR A 32 -7.88 5.76 1.65
N VAL A 33 -6.76 5.13 2.00
CA VAL A 33 -5.62 5.05 1.10
C VAL A 33 -5.33 3.59 0.78
N LYS A 34 -4.27 3.35 0.01
CA LYS A 34 -3.90 1.99 -0.35
C LYS A 34 -2.54 1.63 0.26
N ARG A 35 -2.45 0.44 0.83
CA ARG A 35 -1.21 -0.04 1.45
C ARG A 35 -0.77 -1.33 0.78
N CYS A 36 0.24 -1.98 1.37
CA CYS A 36 0.75 -3.23 0.82
C CYS A 36 0.41 -4.39 1.74
N ASP A 37 -0.26 -5.40 1.17
CA ASP A 37 -0.66 -6.59 1.91
C ASP A 37 0.54 -7.17 2.65
N SER A 1 9.73 2.99 -0.65
CA SER A 1 9.96 4.29 -1.35
C SER A 1 10.99 4.10 -2.45
N PRO A 2 12.16 3.54 -2.10
CA PRO A 2 13.24 3.31 -3.06
C PRO A 2 12.97 2.09 -3.93
N THR A 3 12.32 1.08 -3.35
CA THR A 3 11.99 -0.14 -4.06
C THR A 3 10.51 -0.46 -3.88
N CYS A 4 10.13 -1.72 -4.10
CA CYS A 4 8.75 -2.13 -3.96
C CYS A 4 8.21 -1.71 -2.59
N ILE A 5 6.92 -1.41 -2.54
CA ILE A 5 6.28 -0.99 -1.29
C ILE A 5 5.98 -2.21 -0.43
N PRO A 6 6.73 -2.39 0.67
CA PRO A 6 6.54 -3.53 1.57
C PRO A 6 5.21 -3.46 2.31
N SER A 7 4.76 -4.60 2.80
CA SER A 7 3.50 -4.70 3.54
C SER A 7 3.43 -3.65 4.65
N GLY A 8 2.33 -2.89 4.67
CA GLY A 8 2.13 -1.85 5.69
C GLY A 8 2.37 -0.46 5.11
N GLN A 9 3.18 -0.39 4.06
CA GLN A 9 3.49 0.88 3.42
C GLN A 9 2.47 1.20 2.32
N PRO A 10 2.34 2.47 1.96
CA PRO A 10 1.39 2.91 0.93
C PRO A 10 1.89 2.61 -0.48
N CYS A 11 1.05 1.92 -1.26
CA CYS A 11 1.39 1.56 -2.63
C CYS A 11 0.42 2.22 -3.61
N PRO A 12 0.94 2.66 -4.77
CA PRO A 12 0.12 3.32 -5.80
C PRO A 12 -0.69 2.32 -6.62
N TYR A 13 -0.05 1.21 -6.99
CA TYR A 13 -0.71 0.17 -7.78
C TYR A 13 -0.37 -1.21 -7.22
N ASN A 14 -1.20 -2.19 -7.53
CA ASN A 14 -0.99 -3.55 -7.08
C ASN A 14 0.27 -4.12 -7.74
N GLU A 15 0.80 -3.40 -8.72
CA GLU A 15 2.00 -3.82 -9.45
C GLU A 15 3.25 -3.26 -8.81
N ASN A 16 3.10 -2.18 -8.04
CA ASN A 16 4.25 -1.55 -7.38
C ASN A 16 4.39 -2.03 -5.95
N CYS A 17 3.70 -3.11 -5.61
CA CYS A 17 3.77 -3.66 -4.26
C CYS A 17 4.80 -4.77 -4.19
N CYS A 18 5.45 -4.91 -3.04
CA CYS A 18 6.46 -5.94 -2.85
C CYS A 18 5.82 -7.31 -3.05
N SER A 19 4.59 -7.45 -2.58
CA SER A 19 3.84 -8.68 -2.71
C SER A 19 2.98 -8.66 -3.96
N GLN A 20 2.90 -7.49 -4.61
CA GLN A 20 2.11 -7.33 -5.82
C GLN A 20 0.62 -7.26 -5.49
N SER A 21 0.31 -7.23 -4.20
CA SER A 21 -1.08 -7.16 -3.75
C SER A 21 -1.34 -5.87 -3.01
N CYS A 22 -2.06 -4.94 -3.64
CA CYS A 22 -2.38 -3.66 -3.02
C CYS A 22 -3.82 -3.68 -2.49
N THR A 23 -4.00 -3.15 -1.28
CA THR A 23 -5.31 -3.11 -0.66
C THR A 23 -5.65 -1.69 -0.21
N PHE A 24 -6.85 -1.49 0.31
CA PHE A 24 -7.30 -0.17 0.77
C PHE A 24 -7.55 -0.21 2.28
N LYS A 25 -6.78 0.59 3.02
CA LYS A 25 -6.92 0.65 4.47
C LYS A 25 -7.45 2.02 4.88
N GLU A 26 -8.16 2.08 6.00
CA GLU A 26 -8.72 3.33 6.49
C GLU A 26 -7.78 4.00 7.49
N ASN A 27 -7.71 5.32 7.41
CA ASN A 27 -6.85 6.10 8.29
C ASN A 27 -7.68 6.72 9.41
N GLU A 28 -7.03 7.51 10.25
CA GLU A 28 -7.69 8.17 11.36
C GLU A 28 -8.22 9.53 10.93
N ASN A 29 -7.69 10.04 9.81
CA ASN A 29 -8.10 11.33 9.29
C ASN A 29 -9.54 11.27 8.79
N GLY A 30 -10.05 10.05 8.61
CA GLY A 30 -11.40 9.85 8.14
C GLY A 30 -11.42 9.58 6.65
N ASN A 31 -10.28 9.18 6.11
CA ASN A 31 -10.16 8.88 4.70
C ASN A 31 -9.68 7.45 4.50
N THR A 32 -9.43 7.06 3.26
CA THR A 32 -8.96 5.71 2.97
C THR A 32 -7.90 5.75 1.86
N VAL A 33 -6.77 5.10 2.12
CA VAL A 33 -5.69 5.05 1.14
C VAL A 33 -5.41 3.61 0.75
N LYS A 34 -4.42 3.40 -0.10
CA LYS A 34 -4.07 2.06 -0.52
C LYS A 34 -2.68 1.68 -0.01
N ARG A 35 -2.62 0.61 0.77
CA ARG A 35 -1.37 0.13 1.34
C ARG A 35 -0.96 -1.18 0.69
N CYS A 36 0.04 -1.84 1.25
CA CYS A 36 0.52 -3.11 0.71
C CYS A 36 0.11 -4.26 1.63
N ASP A 37 -0.26 -5.38 1.02
CA ASP A 37 -0.68 -6.56 1.76
C ASP A 37 0.51 -7.18 2.50
N SER A 1 16.51 4.77 -4.94
CA SER A 1 16.86 4.38 -3.55
C SER A 1 15.76 3.52 -2.96
N PRO A 2 14.50 3.97 -3.05
CA PRO A 2 13.34 3.24 -2.53
C PRO A 2 12.92 2.10 -3.45
N THR A 3 12.72 0.92 -2.85
CA THR A 3 12.31 -0.26 -3.61
C THR A 3 10.79 -0.42 -3.55
N CYS A 4 10.32 -1.64 -3.77
CA CYS A 4 8.89 -1.91 -3.76
C CYS A 4 8.29 -1.53 -2.41
N ILE A 5 6.97 -1.31 -2.39
CA ILE A 5 6.27 -0.93 -1.17
C ILE A 5 6.03 -2.17 -0.32
N PRO A 6 6.72 -2.27 0.82
CA PRO A 6 6.58 -3.42 1.74
C PRO A 6 5.24 -3.42 2.46
N SER A 7 4.83 -4.60 2.91
CA SER A 7 3.58 -4.76 3.64
C SER A 7 3.47 -3.75 4.77
N GLY A 8 2.45 -2.90 4.69
CA GLY A 8 2.23 -1.88 5.72
C GLY A 8 2.57 -0.49 5.20
N GLN A 9 2.97 -0.40 3.94
CA GLN A 9 3.33 0.88 3.34
C GLN A 9 2.35 1.23 2.23
N PRO A 10 2.28 2.52 1.86
CA PRO A 10 1.37 3.00 0.80
C PRO A 10 1.87 2.65 -0.60
N CYS A 11 0.99 2.06 -1.40
CA CYS A 11 1.33 1.66 -2.76
C CYS A 11 0.33 2.26 -3.75
N PRO A 12 0.80 2.67 -4.94
CA PRO A 12 -0.06 3.25 -5.98
C PRO A 12 -0.84 2.18 -6.72
N TYR A 13 -0.15 1.14 -7.15
CA TYR A 13 -0.78 0.03 -7.89
C TYR A 13 -0.39 -1.29 -7.25
N ASN A 14 -1.15 -2.33 -7.55
CA ASN A 14 -0.88 -3.66 -7.04
C ASN A 14 0.37 -4.24 -7.69
N GLU A 15 0.93 -3.51 -8.65
CA GLU A 15 2.12 -3.95 -9.37
C GLU A 15 3.38 -3.31 -8.77
N ASN A 16 3.19 -2.32 -7.91
CA ASN A 16 4.31 -1.63 -7.28
C ASN A 16 4.49 -2.08 -5.84
N CYS A 17 3.84 -3.19 -5.48
CA CYS A 17 3.93 -3.73 -4.13
C CYS A 17 4.95 -4.85 -4.07
N CYS A 18 5.64 -4.96 -2.94
CA CYS A 18 6.64 -6.00 -2.75
C CYS A 18 5.99 -7.36 -2.92
N SER A 19 4.78 -7.49 -2.38
CA SER A 19 4.03 -8.73 -2.47
C SER A 19 3.16 -8.73 -3.72
N GLN A 20 3.09 -7.59 -4.39
CA GLN A 20 2.29 -7.44 -5.60
C GLN A 20 0.80 -7.35 -5.25
N SER A 21 0.50 -7.27 -3.97
CA SER A 21 -0.89 -7.18 -3.51
C SER A 21 -1.14 -5.83 -2.83
N CYS A 22 -1.97 -5.01 -3.45
CA CYS A 22 -2.30 -3.69 -2.91
C CYS A 22 -3.74 -3.69 -2.42
N THR A 23 -3.98 -3.01 -1.30
CA THR A 23 -5.32 -2.95 -0.73
C THR A 23 -5.67 -1.52 -0.34
N PHE A 24 -6.88 -1.30 0.15
CA PHE A 24 -7.34 0.02 0.56
C PHE A 24 -7.74 0.00 2.02
N LYS A 25 -6.97 0.68 2.86
CA LYS A 25 -7.25 0.73 4.29
C LYS A 25 -7.67 2.15 4.69
N GLU A 26 -8.39 2.26 5.80
CA GLU A 26 -8.86 3.56 6.26
C GLU A 26 -7.94 4.11 7.33
N ASN A 27 -7.70 5.42 7.28
CA ASN A 27 -6.84 6.10 8.25
C ASN A 27 -7.68 6.66 9.38
N GLU A 28 -7.03 7.44 10.25
CA GLU A 28 -7.70 8.05 11.38
C GLU A 28 -8.23 9.43 10.99
N ASN A 29 -7.70 9.96 9.90
CA ASN A 29 -8.12 11.28 9.42
C ASN A 29 -9.54 11.23 8.89
N GLY A 30 -10.03 10.01 8.66
CA GLY A 30 -11.39 9.81 8.15
C GLY A 30 -11.37 9.60 6.65
N ASN A 31 -10.20 9.29 6.11
CA ASN A 31 -10.05 9.05 4.68
C ASN A 31 -9.61 7.61 4.44
N THR A 32 -9.31 7.28 3.20
CA THR A 32 -8.87 5.93 2.85
C THR A 32 -7.77 5.98 1.80
N VAL A 33 -6.71 5.21 2.02
CA VAL A 33 -5.59 5.16 1.09
C VAL A 33 -5.30 3.71 0.74
N LYS A 34 -4.30 3.50 -0.12
CA LYS A 34 -3.93 2.14 -0.52
C LYS A 34 -2.58 1.76 0.07
N ARG A 35 -2.55 0.60 0.73
CA ARG A 35 -1.32 0.12 1.35
C ARG A 35 -0.90 -1.20 0.70
N CYS A 36 0.07 -1.87 1.31
CA CYS A 36 0.56 -3.14 0.78
C CYS A 36 0.15 -4.30 1.68
N ASP A 37 -0.69 -5.18 1.14
CA ASP A 37 -1.17 -6.33 1.87
C ASP A 37 -0.07 -6.91 2.75
N SER A 1 16.72 -4.82 -3.52
CA SER A 1 16.05 -3.60 -4.05
C SER A 1 14.89 -3.21 -3.13
N PRO A 2 15.18 -2.41 -2.10
CA PRO A 2 14.17 -1.95 -1.14
C PRO A 2 13.40 -0.73 -1.65
N THR A 3 12.79 -0.86 -2.82
CA THR A 3 12.04 0.23 -3.42
C THR A 3 10.53 -0.06 -3.32
N CYS A 4 10.16 -1.28 -3.67
CA CYS A 4 8.75 -1.69 -3.63
C CYS A 4 8.16 -1.38 -2.27
N ILE A 5 6.84 -1.17 -2.24
CA ILE A 5 6.14 -0.86 -1.00
C ILE A 5 5.90 -2.14 -0.21
N PRO A 6 6.58 -2.30 0.92
CA PRO A 6 6.44 -3.50 1.77
C PRO A 6 5.09 -3.55 2.47
N SER A 7 4.70 -4.76 2.84
CA SER A 7 3.42 -4.99 3.52
C SER A 7 3.28 -4.05 4.72
N GLY A 8 2.27 -3.18 4.66
CA GLY A 8 2.01 -2.22 5.73
C GLY A 8 2.40 -0.80 5.31
N GLN A 9 2.75 -0.63 4.04
CA GLN A 9 3.14 0.67 3.53
C GLN A 9 2.18 1.11 2.43
N PRO A 10 2.12 2.41 2.14
CA PRO A 10 1.23 2.96 1.10
C PRO A 10 1.74 2.69 -0.31
N CYS A 11 0.96 1.92 -1.08
CA CYS A 11 1.31 1.59 -2.45
C CYS A 11 0.34 2.25 -3.43
N PRO A 12 0.85 2.69 -4.58
CA PRO A 12 0.02 3.34 -5.61
C PRO A 12 -0.78 2.32 -6.42
N TYR A 13 -0.09 1.35 -6.99
CA TYR A 13 -0.73 0.30 -7.78
C TYR A 13 -0.35 -1.07 -7.24
N ASN A 14 -1.11 -2.09 -7.60
CA ASN A 14 -0.84 -3.44 -7.16
C ASN A 14 0.42 -3.97 -7.83
N GLU A 15 0.98 -3.19 -8.76
CA GLU A 15 2.18 -3.57 -9.48
C GLU A 15 3.42 -2.97 -8.83
N ASN A 16 3.22 -2.04 -7.90
CA ASN A 16 4.32 -1.38 -7.23
C ASN A 16 4.48 -1.89 -5.81
N CYS A 17 3.78 -2.97 -5.49
CA CYS A 17 3.85 -3.57 -4.16
C CYS A 17 4.90 -4.66 -4.12
N CYS A 18 5.57 -4.79 -2.98
CA CYS A 18 6.59 -5.81 -2.81
C CYS A 18 5.99 -7.18 -3.06
N SER A 19 4.78 -7.37 -2.55
CA SER A 19 4.05 -8.63 -2.73
C SER A 19 3.22 -8.59 -4.00
N GLN A 20 3.11 -7.41 -4.60
CA GLN A 20 2.33 -7.23 -5.82
C GLN A 20 0.84 -7.17 -5.51
N SER A 21 0.50 -7.20 -4.24
CA SER A 21 -0.90 -7.14 -3.82
C SER A 21 -1.18 -5.84 -3.08
N CYS A 22 -1.99 -4.97 -3.70
CA CYS A 22 -2.34 -3.70 -3.09
C CYS A 22 -3.79 -3.74 -2.60
N THR A 23 -4.04 -3.14 -1.44
CA THR A 23 -5.37 -3.11 -0.86
C THR A 23 -5.72 -1.70 -0.40
N PHE A 24 -6.94 -1.53 0.12
CA PHE A 24 -7.40 -0.22 0.59
C PHE A 24 -7.70 -0.27 2.09
N LYS A 25 -7.01 0.56 2.86
CA LYS A 25 -7.22 0.61 4.30
C LYS A 25 -7.65 2.01 4.73
N GLU A 26 -8.38 2.10 5.83
CA GLU A 26 -8.86 3.37 6.34
C GLU A 26 -7.86 3.98 7.33
N ASN A 27 -7.69 5.29 7.24
CA ASN A 27 -6.78 6.01 8.12
C ASN A 27 -7.54 6.64 9.28
N GLU A 28 -6.84 7.45 10.06
CA GLU A 28 -7.45 8.12 11.19
C GLU A 28 -8.02 9.47 10.76
N ASN A 29 -7.54 9.97 9.63
CA ASN A 29 -8.00 11.25 9.10
C ASN A 29 -9.43 11.14 8.61
N GLY A 30 -9.92 9.91 8.50
CA GLY A 30 -11.30 9.67 8.06
C GLY A 30 -11.33 9.42 6.56
N ASN A 31 -10.17 9.14 5.98
CA ASN A 31 -10.06 8.87 4.56
C ASN A 31 -9.67 7.42 4.33
N THR A 32 -9.45 7.05 3.07
CA THR A 32 -9.07 5.68 2.74
C THR A 32 -8.02 5.69 1.63
N VAL A 33 -6.87 5.08 1.90
CA VAL A 33 -5.79 5.01 0.93
C VAL A 33 -5.50 3.56 0.60
N LYS A 34 -4.47 3.33 -0.20
CA LYS A 34 -4.10 1.98 -0.59
C LYS A 34 -2.75 1.61 -0.01
N ARG A 35 -2.70 0.49 0.72
CA ARG A 35 -1.46 0.02 1.33
C ARG A 35 -1.04 -1.29 0.68
N CYS A 36 -0.06 -1.97 1.29
CA CYS A 36 0.44 -3.23 0.75
C CYS A 36 0.03 -4.39 1.65
N ASP A 37 -0.52 -5.43 1.03
CA ASP A 37 -0.97 -6.62 1.74
C ASP A 37 0.19 -7.23 2.53
N SER A 1 18.92 -0.67 -0.35
CA SER A 1 18.19 0.13 -1.37
C SER A 1 16.78 -0.41 -1.56
N PRO A 2 15.80 0.17 -0.85
CA PRO A 2 14.40 -0.24 -0.93
C PRO A 2 13.71 0.29 -2.18
N THR A 3 12.88 -0.54 -2.79
CA THR A 3 12.16 -0.15 -4.01
C THR A 3 10.66 -0.39 -3.83
N CYS A 4 10.23 -1.60 -4.13
CA CYS A 4 8.82 -1.96 -3.99
C CYS A 4 8.29 -1.57 -2.62
N ILE A 5 6.99 -1.30 -2.55
CA ILE A 5 6.35 -0.91 -1.30
C ILE A 5 6.10 -2.15 -0.44
N PRO A 6 6.86 -2.31 0.65
CA PRO A 6 6.71 -3.46 1.55
C PRO A 6 5.38 -3.43 2.30
N SER A 7 4.98 -4.59 2.81
CA SER A 7 3.72 -4.71 3.54
C SER A 7 3.65 -3.68 4.67
N GLY A 8 2.56 -2.91 4.68
CA GLY A 8 2.35 -1.89 5.70
C GLY A 8 2.56 -0.49 5.14
N GLN A 9 3.32 -0.39 4.07
CA GLN A 9 3.61 0.89 3.43
C GLN A 9 2.55 1.19 2.37
N PRO A 10 2.40 2.48 2.01
CA PRO A 10 1.42 2.91 1.01
C PRO A 10 1.89 2.63 -0.42
N CYS A 11 1.03 1.97 -1.20
CA CYS A 11 1.34 1.62 -2.58
C CYS A 11 0.32 2.27 -3.52
N PRO A 12 0.79 2.72 -4.70
CA PRO A 12 -0.07 3.36 -5.70
C PRO A 12 -0.88 2.34 -6.49
N TYR A 13 -0.23 1.24 -6.87
CA TYR A 13 -0.89 0.19 -7.63
C TYR A 13 -0.49 -1.19 -7.10
N ASN A 14 -1.30 -2.19 -7.39
CA ASN A 14 -1.02 -3.55 -6.95
C ASN A 14 0.22 -4.10 -7.67
N GLU A 15 0.70 -3.34 -8.65
CA GLU A 15 1.87 -3.75 -9.43
C GLU A 15 3.16 -3.19 -8.81
N ASN A 16 3.01 -2.20 -7.93
CA ASN A 16 4.16 -1.59 -7.28
C ASN A 16 4.33 -2.10 -5.86
N CYS A 17 3.62 -3.17 -5.52
CA CYS A 17 3.70 -3.75 -4.19
C CYS A 17 4.78 -4.81 -4.14
N CYS A 18 5.46 -4.92 -3.00
CA CYS A 18 6.52 -5.91 -2.84
C CYS A 18 5.93 -7.29 -3.00
N SER A 19 4.72 -7.47 -2.49
CA SER A 19 4.00 -8.73 -2.57
C SER A 19 3.15 -8.76 -3.83
N GLN A 20 3.07 -7.63 -4.53
CA GLN A 20 2.28 -7.52 -5.75
C GLN A 20 0.79 -7.43 -5.43
N SER A 21 0.47 -7.36 -4.14
CA SER A 21 -0.92 -7.27 -3.70
C SER A 21 -1.16 -5.98 -2.92
N CYS A 22 -1.91 -5.06 -3.51
CA CYS A 22 -2.22 -3.79 -2.85
C CYS A 22 -3.63 -3.85 -2.24
N THR A 23 -3.90 -2.98 -1.29
CA THR A 23 -5.20 -2.94 -0.63
C THR A 23 -5.55 -1.50 -0.24
N PHE A 24 -6.77 -1.32 0.26
CA PHE A 24 -7.23 0.01 0.67
C PHE A 24 -7.69 -0.02 2.13
N LYS A 25 -6.97 0.71 2.97
CA LYS A 25 -7.30 0.77 4.40
C LYS A 25 -7.72 2.18 4.77
N GLU A 26 -8.58 2.30 5.78
CA GLU A 26 -9.06 3.61 6.23
C GLU A 26 -8.19 4.16 7.34
N ASN A 27 -8.03 5.49 7.34
CA ASN A 27 -7.22 6.17 8.34
C ASN A 27 -8.14 6.91 9.31
N GLU A 28 -7.53 7.69 10.20
CA GLU A 28 -8.28 8.46 11.18
C GLU A 28 -8.61 9.83 10.62
N ASN A 29 -7.73 10.35 9.77
CA ASN A 29 -7.92 11.65 9.16
C ASN A 29 -9.34 11.78 8.64
N GLY A 30 -9.90 10.65 8.22
CA GLY A 30 -11.26 10.62 7.69
C GLY A 30 -11.27 10.27 6.21
N ASN A 31 -10.22 9.59 5.76
CA ASN A 31 -10.12 9.19 4.37
C ASN A 31 -9.63 7.76 4.27
N THR A 32 -9.28 7.32 3.07
CA THR A 32 -8.79 5.97 2.85
C THR A 32 -7.65 5.97 1.84
N VAL A 33 -6.59 5.25 2.16
CA VAL A 33 -5.43 5.16 1.27
C VAL A 33 -5.17 3.71 0.91
N LYS A 34 -4.14 3.48 0.10
CA LYS A 34 -3.80 2.12 -0.31
C LYS A 34 -2.45 1.72 0.28
N ARG A 35 -2.40 0.52 0.86
CA ARG A 35 -1.18 0.01 1.46
C ARG A 35 -0.77 -1.29 0.78
N CYS A 36 0.25 -1.94 1.33
CA CYS A 36 0.73 -3.19 0.77
C CYS A 36 0.38 -4.36 1.67
N ASP A 37 0.05 -5.49 1.06
CA ASP A 37 -0.33 -6.70 1.80
C ASP A 37 0.89 -7.30 2.48
N SER A 1 18.42 1.25 0.50
CA SER A 1 17.52 1.91 -0.48
C SER A 1 16.54 0.89 -1.05
N PRO A 2 15.32 0.84 -0.48
CA PRO A 2 14.28 -0.10 -0.92
C PRO A 2 13.57 0.39 -2.18
N THR A 3 12.79 -0.49 -2.79
CA THR A 3 12.06 -0.15 -4.00
C THR A 3 10.57 -0.41 -3.82
N CYS A 4 10.14 -1.63 -4.14
CA CYS A 4 8.74 -2.01 -4.01
C CYS A 4 8.20 -1.60 -2.65
N ILE A 5 6.91 -1.33 -2.59
CA ILE A 5 6.25 -0.93 -1.34
C ILE A 5 5.98 -2.16 -0.48
N PRO A 6 6.72 -2.32 0.62
CA PRO A 6 6.54 -3.46 1.53
C PRO A 6 5.20 -3.41 2.25
N SER A 7 4.78 -4.57 2.76
CA SER A 7 3.52 -4.68 3.47
C SER A 7 3.41 -3.63 4.57
N GLY A 8 2.32 -2.86 4.56
CA GLY A 8 2.08 -1.83 5.57
C GLY A 8 2.32 -0.44 5.00
N GLN A 9 3.11 -0.35 3.94
CA GLN A 9 3.41 0.92 3.30
C GLN A 9 2.40 1.23 2.21
N PRO A 10 2.26 2.50 1.84
CA PRO A 10 1.30 2.94 0.80
C PRO A 10 1.80 2.63 -0.61
N CYS A 11 0.98 1.92 -1.38
CA CYS A 11 1.31 1.56 -2.75
C CYS A 11 0.31 2.17 -3.72
N PRO A 12 0.79 2.61 -4.90
CA PRO A 12 -0.06 3.22 -5.92
C PRO A 12 -0.83 2.18 -6.73
N TYR A 13 -0.17 1.08 -7.09
CA TYR A 13 -0.80 0.01 -7.85
C TYR A 13 -0.42 -1.34 -7.28
N ASN A 14 -1.24 -2.35 -7.54
CA ASN A 14 -0.99 -3.69 -7.06
C ASN A 14 0.29 -4.25 -7.69
N GLU A 15 0.78 -3.54 -8.72
CA GLU A 15 1.98 -3.95 -9.42
C GLU A 15 3.23 -3.38 -8.75
N ASN A 16 3.07 -2.25 -8.07
CA ASN A 16 4.20 -1.60 -7.41
C ASN A 16 4.35 -2.09 -5.97
N CYS A 17 3.64 -3.17 -5.64
CA CYS A 17 3.70 -3.73 -4.29
C CYS A 17 4.78 -4.80 -4.21
N CYS A 18 5.42 -4.91 -3.06
CA CYS A 18 6.46 -5.90 -2.84
C CYS A 18 5.86 -7.29 -3.01
N SER A 19 4.63 -7.44 -2.53
CA SER A 19 3.91 -8.70 -2.61
C SER A 19 3.06 -8.74 -3.88
N GLN A 20 3.01 -7.62 -4.60
CA GLN A 20 2.23 -7.51 -5.83
C GLN A 20 0.74 -7.43 -5.51
N SER A 21 0.41 -7.32 -4.23
CA SER A 21 -0.99 -7.25 -3.81
C SER A 21 -1.25 -5.95 -3.04
N CYS A 22 -1.99 -5.04 -3.67
CA CYS A 22 -2.33 -3.76 -3.03
C CYS A 22 -3.74 -3.82 -2.47
N THR A 23 -4.00 -3.05 -1.42
CA THR A 23 -5.31 -3.01 -0.79
C THR A 23 -5.65 -1.59 -0.36
N PHE A 24 -6.86 -1.40 0.16
CA PHE A 24 -7.31 -0.08 0.61
C PHE A 24 -7.62 -0.11 2.10
N LYS A 25 -6.89 0.68 2.87
CA LYS A 25 -7.09 0.75 4.32
C LYS A 25 -7.50 2.16 4.72
N GLU A 26 -8.41 2.26 5.68
CA GLU A 26 -8.90 3.55 6.14
C GLU A 26 -8.04 4.07 7.29
N ASN A 27 -7.74 5.36 7.26
CA ASN A 27 -6.93 5.99 8.29
C ASN A 27 -7.83 6.56 9.38
N GLU A 28 -7.23 7.34 10.28
CA GLU A 28 -7.96 7.96 11.37
C GLU A 28 -8.47 9.32 10.94
N ASN A 29 -7.89 9.87 9.87
CA ASN A 29 -8.29 11.17 9.35
C ASN A 29 -9.69 11.09 8.77
N GLY A 30 -10.17 9.86 8.56
CA GLY A 30 -11.50 9.66 8.01
C GLY A 30 -11.42 9.44 6.50
N ASN A 31 -10.21 9.17 6.01
CA ASN A 31 -9.99 8.95 4.59
C ASN A 31 -9.61 7.49 4.35
N THR A 32 -9.35 7.15 3.09
CA THR A 32 -8.96 5.79 2.75
C THR A 32 -7.89 5.80 1.68
N VAL A 33 -6.75 5.17 1.97
CA VAL A 33 -5.64 5.10 1.02
C VAL A 33 -5.38 3.65 0.65
N LYS A 34 -4.32 3.42 -0.12
CA LYS A 34 -3.98 2.08 -0.53
C LYS A 34 -2.61 1.68 0.03
N ARG A 35 -2.56 0.54 0.71
CA ARG A 35 -1.31 0.06 1.29
C ARG A 35 -0.91 -1.25 0.62
N CYS A 36 0.11 -1.91 1.18
CA CYS A 36 0.59 -3.16 0.63
C CYS A 36 0.20 -4.33 1.54
N ASP A 37 -0.03 -5.48 0.92
CA ASP A 37 -0.42 -6.68 1.65
C ASP A 37 0.77 -7.22 2.45
N SER A 1 15.27 -5.70 -3.34
CA SER A 1 14.21 -5.98 -2.33
C SER A 1 13.74 -4.67 -1.69
N PRO A 2 14.69 -3.80 -1.31
CA PRO A 2 14.38 -2.51 -0.70
C PRO A 2 14.04 -1.43 -1.72
N THR A 3 13.08 -1.73 -2.59
CA THR A 3 12.65 -0.79 -3.62
C THR A 3 11.12 -0.74 -3.69
N CYS A 4 10.51 -1.91 -3.74
CA CYS A 4 9.06 -2.02 -3.80
C CYS A 4 8.44 -1.60 -2.48
N ILE A 5 7.12 -1.44 -2.46
CA ILE A 5 6.41 -1.05 -1.24
C ILE A 5 6.04 -2.27 -0.43
N PRO A 6 6.72 -2.49 0.70
CA PRO A 6 6.46 -3.64 1.58
C PRO A 6 5.13 -3.50 2.32
N SER A 7 4.62 -4.63 2.81
CA SER A 7 3.35 -4.65 3.54
C SER A 7 3.35 -3.62 4.65
N GLY A 8 2.32 -2.77 4.66
CA GLY A 8 2.18 -1.74 5.68
C GLY A 8 2.41 -0.34 5.11
N GLN A 9 3.22 -0.26 4.05
CA GLN A 9 3.52 1.01 3.41
C GLN A 9 2.50 1.30 2.31
N PRO A 10 2.39 2.57 1.91
CA PRO A 10 1.45 3.00 0.86
C PRO A 10 1.92 2.66 -0.54
N CYS A 11 1.07 1.99 -1.30
CA CYS A 11 1.39 1.60 -2.67
C CYS A 11 0.44 2.26 -3.65
N PRO A 12 0.94 2.70 -4.81
CA PRO A 12 0.11 3.35 -5.84
C PRO A 12 -0.73 2.34 -6.63
N TYR A 13 -0.09 1.27 -7.07
CA TYR A 13 -0.78 0.22 -7.82
C TYR A 13 -0.42 -1.14 -7.25
N ASN A 14 -1.23 -2.15 -7.60
CA ASN A 14 -0.99 -3.51 -7.13
C ASN A 14 0.25 -4.09 -7.80
N GLU A 15 0.83 -3.34 -8.73
CA GLU A 15 2.02 -3.78 -9.46
C GLU A 15 3.28 -3.22 -8.82
N ASN A 16 3.12 -2.28 -7.89
CA ASN A 16 4.25 -1.66 -7.21
C ASN A 16 4.45 -2.28 -5.83
N CYS A 17 3.52 -3.14 -5.42
CA CYS A 17 3.60 -3.79 -4.12
C CYS A 17 4.69 -4.85 -4.13
N CYS A 18 5.38 -4.99 -3.00
CA CYS A 18 6.44 -5.99 -2.87
C CYS A 18 5.85 -7.37 -3.09
N SER A 19 4.62 -7.54 -2.62
CA SER A 19 3.91 -8.81 -2.76
C SER A 19 3.04 -8.80 -4.02
N GLN A 20 2.98 -7.64 -4.67
CA GLN A 20 2.18 -7.47 -5.88
C GLN A 20 0.71 -7.33 -5.54
N SER A 21 0.39 -7.34 -4.24
CA SER A 21 -0.99 -7.22 -3.80
C SER A 21 -1.19 -5.90 -3.05
N CYS A 22 -2.03 -5.02 -3.61
CA CYS A 22 -2.32 -3.73 -2.99
C CYS A 22 -3.74 -3.74 -2.42
N THR A 23 -3.93 -3.06 -1.30
CA THR A 23 -5.25 -3.00 -0.66
C THR A 23 -5.57 -1.57 -0.23
N PHE A 24 -6.77 -1.37 0.28
CA PHE A 24 -7.21 -0.06 0.75
C PHE A 24 -7.45 -0.07 2.25
N LYS A 25 -6.69 0.74 2.99
CA LYS A 25 -6.83 0.82 4.43
C LYS A 25 -7.37 2.18 4.84
N GLU A 26 -8.06 2.25 5.96
CA GLU A 26 -8.64 3.50 6.44
C GLU A 26 -7.70 4.18 7.43
N ASN A 27 -7.59 5.50 7.30
CA ASN A 27 -6.74 6.29 8.19
C ASN A 27 -7.56 6.87 9.33
N GLU A 28 -6.92 7.73 10.13
CA GLU A 28 -7.58 8.36 11.25
C GLU A 28 -8.20 9.68 10.81
N ASN A 29 -7.74 10.19 9.68
CA ASN A 29 -8.25 11.46 9.14
C ASN A 29 -9.68 11.29 8.67
N GLY A 30 -10.11 10.03 8.53
CA GLY A 30 -11.47 9.73 8.08
C GLY A 30 -11.49 9.45 6.59
N ASN A 31 -10.31 9.18 6.04
CA ASN A 31 -10.19 8.88 4.62
C ASN A 31 -9.70 7.45 4.42
N THR A 32 -9.44 7.07 3.18
CA THR A 32 -8.97 5.73 2.87
C THR A 32 -7.91 5.77 1.79
N VAL A 33 -6.74 5.21 2.08
CA VAL A 33 -5.64 5.17 1.13
C VAL A 33 -5.37 3.72 0.74
N LYS A 34 -4.32 3.51 -0.04
CA LYS A 34 -3.97 2.17 -0.49
C LYS A 34 -2.60 1.78 0.05
N ARG A 35 -2.54 0.68 0.79
CA ARG A 35 -1.28 0.20 1.36
C ARG A 35 -0.89 -1.12 0.69
N CYS A 36 0.11 -1.78 1.25
CA CYS A 36 0.58 -3.05 0.69
C CYS A 36 0.19 -4.22 1.60
N ASP A 37 -0.41 -5.24 1.00
CA ASP A 37 -0.84 -6.42 1.74
C ASP A 37 0.31 -6.99 2.55
N SER A 1 15.47 0.23 1.35
CA SER A 1 14.28 0.98 1.85
C SER A 1 13.52 1.61 0.68
N PRO A 2 14.25 2.33 -0.20
CA PRO A 2 13.67 2.99 -1.37
C PRO A 2 13.42 2.01 -2.52
N THR A 3 12.46 1.11 -2.33
CA THR A 3 12.12 0.12 -3.34
C THR A 3 10.64 -0.20 -3.27
N CYS A 4 10.27 -1.42 -3.66
CA CYS A 4 8.88 -1.84 -3.64
C CYS A 4 8.25 -1.50 -2.28
N ILE A 5 6.95 -1.24 -2.28
CA ILE A 5 6.24 -0.91 -1.05
C ILE A 5 5.96 -2.16 -0.25
N PRO A 6 6.66 -2.33 0.88
CA PRO A 6 6.47 -3.50 1.75
C PRO A 6 5.12 -3.47 2.44
N SER A 7 4.69 -4.64 2.91
CA SER A 7 3.40 -4.77 3.60
C SER A 7 3.28 -3.76 4.73
N GLY A 8 2.23 -2.95 4.68
CA GLY A 8 1.98 -1.94 5.72
C GLY A 8 2.20 -0.53 5.18
N GLN A 9 3.00 -0.42 4.13
CA GLN A 9 3.30 0.87 3.51
C GLN A 9 2.29 1.18 2.41
N PRO A 10 2.20 2.46 2.02
CA PRO A 10 1.25 2.90 0.97
C PRO A 10 1.76 2.61 -0.43
N CYS A 11 0.93 1.93 -1.22
CA CYS A 11 1.27 1.58 -2.60
C CYS A 11 0.26 2.17 -3.56
N PRO A 12 0.72 2.66 -4.73
CA PRO A 12 -0.16 3.25 -5.75
C PRO A 12 -0.90 2.18 -6.55
N TYR A 13 -0.14 1.24 -7.10
CA TYR A 13 -0.72 0.16 -7.88
C TYR A 13 -0.31 -1.19 -7.30
N ASN A 14 -1.06 -2.24 -7.64
CA ASN A 14 -0.75 -3.57 -7.17
C ASN A 14 0.54 -4.09 -7.80
N GLU A 15 1.08 -3.32 -8.75
CA GLU A 15 2.31 -3.70 -9.44
C GLU A 15 3.52 -3.06 -8.77
N ASN A 16 3.29 -2.10 -7.89
CA ASN A 16 4.36 -1.42 -7.20
C ASN A 16 4.50 -1.93 -5.77
N CYS A 17 3.84 -3.04 -5.47
CA CYS A 17 3.90 -3.64 -4.14
C CYS A 17 5.00 -4.69 -4.07
N CYS A 18 5.62 -4.83 -2.91
CA CYS A 18 6.67 -5.82 -2.72
C CYS A 18 6.11 -7.21 -2.97
N SER A 19 4.88 -7.41 -2.52
CA SER A 19 4.19 -8.67 -2.70
C SER A 19 3.33 -8.64 -3.96
N GLN A 20 3.26 -7.47 -4.59
CA GLN A 20 2.47 -7.30 -5.80
C GLN A 20 0.99 -7.22 -5.47
N SER A 21 0.67 -7.22 -4.18
CA SER A 21 -0.73 -7.15 -3.74
C SER A 21 -1.00 -5.82 -3.05
N CYS A 22 -1.89 -5.03 -3.62
CA CYS A 22 -2.26 -3.74 -3.06
C CYS A 22 -3.70 -3.77 -2.58
N THR A 23 -3.97 -3.09 -1.46
CA THR A 23 -5.31 -3.05 -0.90
C THR A 23 -5.66 -1.64 -0.44
N PHE A 24 -6.88 -1.44 0.04
CA PHE A 24 -7.33 -0.14 0.51
C PHE A 24 -7.66 -0.19 2.00
N LYS A 25 -6.95 0.62 2.79
CA LYS A 25 -7.17 0.66 4.23
C LYS A 25 -7.58 2.06 4.65
N GLU A 26 -8.34 2.15 5.74
CA GLU A 26 -8.79 3.44 6.23
C GLU A 26 -7.80 4.02 7.24
N ASN A 27 -7.57 5.33 7.15
CA ASN A 27 -6.66 6.01 8.04
C ASN A 27 -7.42 6.59 9.23
N GLU A 28 -6.71 7.38 10.04
CA GLU A 28 -7.32 8.01 11.21
C GLU A 28 -7.86 9.38 10.83
N ASN A 29 -7.42 9.89 9.69
CA ASN A 29 -7.88 11.20 9.22
C ASN A 29 -9.32 11.13 8.76
N GLY A 30 -9.82 9.90 8.61
CA GLY A 30 -11.20 9.70 8.18
C GLY A 30 -11.27 9.45 6.68
N ASN A 31 -10.12 9.17 6.08
CA ASN A 31 -10.04 8.91 4.65
C ASN A 31 -9.64 7.46 4.40
N THR A 32 -9.39 7.12 3.15
CA THR A 32 -8.99 5.75 2.79
C THR A 32 -7.92 5.79 1.71
N VAL A 33 -6.79 5.15 1.99
CA VAL A 33 -5.69 5.09 1.03
C VAL A 33 -5.41 3.64 0.66
N LYS A 34 -4.35 3.41 -0.08
CA LYS A 34 -3.99 2.06 -0.50
C LYS A 34 -2.65 1.67 0.10
N ARG A 35 -2.61 0.51 0.75
CA ARG A 35 -1.39 0.01 1.37
C ARG A 35 -0.96 -1.29 0.68
N CYS A 36 0.03 -1.96 1.27
CA CYS A 36 0.54 -3.21 0.71
C CYS A 36 0.15 -4.39 1.58
N ASP A 37 -0.53 -5.36 0.98
CA ASP A 37 -0.98 -6.55 1.70
C ASP A 37 0.14 -7.07 2.59
N SER A 1 17.61 3.96 -3.75
CA SER A 1 17.71 3.40 -2.36
C SER A 1 16.48 2.56 -2.06
N PRO A 2 15.29 3.13 -2.28
CA PRO A 2 14.02 2.43 -2.02
C PRO A 2 13.67 1.43 -3.13
N THR A 3 12.63 0.65 -2.91
CA THR A 3 12.18 -0.34 -3.88
C THR A 3 10.69 -0.61 -3.71
N CYS A 4 10.25 -1.80 -4.10
CA CYS A 4 8.85 -2.17 -3.99
C CYS A 4 8.31 -1.77 -2.63
N ILE A 5 7.01 -1.48 -2.57
CA ILE A 5 6.37 -1.07 -1.32
C ILE A 5 6.08 -2.30 -0.47
N PRO A 6 6.84 -2.48 0.62
CA PRO A 6 6.65 -3.63 1.53
C PRO A 6 5.33 -3.55 2.28
N SER A 7 4.88 -4.70 2.79
CA SER A 7 3.64 -4.78 3.53
C SER A 7 3.60 -3.74 4.65
N GLY A 8 2.54 -2.93 4.68
CA GLY A 8 2.38 -1.90 5.69
C GLY A 8 2.61 -0.50 5.12
N GLN A 9 3.39 -0.43 4.06
CA GLN A 9 3.69 0.84 3.40
C GLN A 9 2.66 1.15 2.33
N PRO A 10 2.53 2.43 1.96
CA PRO A 10 1.57 2.87 0.93
C PRO A 10 2.04 2.57 -0.48
N CYS A 11 1.18 1.93 -1.27
CA CYS A 11 1.51 1.58 -2.64
C CYS A 11 0.53 2.26 -3.61
N PRO A 12 1.03 2.68 -4.78
CA PRO A 12 0.20 3.34 -5.80
C PRO A 12 -0.66 2.35 -6.58
N TYR A 13 -0.04 1.27 -7.03
CA TYR A 13 -0.74 0.23 -7.78
C TYR A 13 -0.39 -1.14 -7.23
N ASN A 14 -1.21 -2.14 -7.55
CA ASN A 14 -0.99 -3.50 -7.09
C ASN A 14 0.22 -4.10 -7.80
N GLU A 15 0.78 -3.34 -8.74
CA GLU A 15 1.94 -3.80 -9.51
C GLU A 15 3.23 -3.22 -8.93
N ASN A 16 3.10 -2.27 -8.01
CA ASN A 16 4.26 -1.64 -7.41
C ASN A 16 4.44 -2.10 -5.96
N CYS A 17 3.78 -3.19 -5.61
CA CYS A 17 3.87 -3.73 -4.26
C CYS A 17 4.89 -4.87 -4.21
N CYS A 18 5.56 -5.01 -3.07
CA CYS A 18 6.55 -6.05 -2.90
C CYS A 18 5.90 -7.41 -3.09
N SER A 19 4.67 -7.53 -2.58
CA SER A 19 3.91 -8.76 -2.69
C SER A 19 3.03 -8.72 -3.95
N GLN A 20 2.96 -7.55 -4.58
CA GLN A 20 2.15 -7.38 -5.78
C GLN A 20 0.66 -7.30 -5.43
N SER A 21 0.36 -7.26 -4.14
CA SER A 21 -1.02 -7.19 -3.68
C SER A 21 -1.27 -5.88 -2.93
N CYS A 22 -1.97 -4.96 -3.58
CA CYS A 22 -2.28 -3.66 -2.97
C CYS A 22 -3.71 -3.67 -2.43
N THR A 23 -3.91 -3.04 -1.28
CA THR A 23 -5.23 -2.97 -0.67
C THR A 23 -5.55 -1.53 -0.24
N PHE A 24 -6.76 -1.32 0.25
CA PHE A 24 -7.19 0.00 0.69
C PHE A 24 -7.53 -0.03 2.18
N LYS A 25 -6.76 0.69 2.99
CA LYS A 25 -6.98 0.74 4.42
C LYS A 25 -7.57 2.09 4.80
N GLU A 26 -8.30 2.12 5.92
CA GLU A 26 -8.93 3.35 6.39
C GLU A 26 -8.09 4.01 7.48
N ASN A 27 -7.98 5.33 7.43
CA ASN A 27 -7.22 6.08 8.41
C ASN A 27 -8.15 6.66 9.46
N GLU A 28 -7.58 7.46 10.36
CA GLU A 28 -8.35 8.09 11.42
C GLU A 28 -8.86 9.46 10.95
N ASN A 29 -8.23 9.98 9.91
CA ASN A 29 -8.61 11.27 9.35
C ASN A 29 -9.99 11.18 8.70
N GLY A 30 -10.45 9.95 8.49
CA GLY A 30 -11.75 9.72 7.87
C GLY A 30 -11.60 9.50 6.37
N ASN A 31 -10.39 9.18 5.95
CA ASN A 31 -10.11 8.95 4.54
C ASN A 31 -9.67 7.50 4.34
N THR A 32 -9.32 7.16 3.11
CA THR A 32 -8.88 5.81 2.79
C THR A 32 -7.73 5.85 1.78
N VAL A 33 -6.64 5.15 2.09
CA VAL A 33 -5.48 5.11 1.21
C VAL A 33 -5.20 3.67 0.81
N LYS A 34 -4.18 3.46 0.01
CA LYS A 34 -3.82 2.12 -0.44
C LYS A 34 -2.46 1.72 0.12
N ARG A 35 -2.42 0.61 0.82
CA ARG A 35 -1.18 0.11 1.40
C ARG A 35 -0.80 -1.22 0.75
N CYS A 36 0.20 -1.89 1.32
CA CYS A 36 0.65 -3.16 0.78
C CYS A 36 0.26 -4.30 1.70
N ASP A 37 -0.15 -5.41 1.09
CA ASP A 37 -0.57 -6.60 1.84
C ASP A 37 0.64 -7.27 2.48
N SER A 1 16.18 -5.82 -2.69
CA SER A 1 15.90 -4.55 -3.42
C SER A 1 14.76 -3.81 -2.74
N PRO A 2 15.10 -2.76 -1.95
CA PRO A 2 14.12 -1.95 -1.23
C PRO A 2 13.50 -0.87 -2.11
N THR A 3 12.96 -1.28 -3.25
CA THR A 3 12.34 -0.33 -4.18
C THR A 3 10.82 -0.44 -4.10
N CYS A 4 10.32 -1.67 -4.17
CA CYS A 4 8.89 -1.92 -4.11
C CYS A 4 8.36 -1.57 -2.73
N ILE A 5 7.06 -1.34 -2.65
CA ILE A 5 6.41 -0.98 -1.38
C ILE A 5 6.17 -2.25 -0.55
N PRO A 6 6.95 -2.43 0.52
CA PRO A 6 6.81 -3.59 1.41
C PRO A 6 5.50 -3.57 2.18
N SER A 7 5.10 -4.73 2.69
CA SER A 7 3.87 -4.85 3.46
C SER A 7 3.82 -3.81 4.58
N GLY A 8 2.70 -3.08 4.65
CA GLY A 8 2.51 -2.06 5.68
C GLY A 8 2.77 -0.66 5.13
N GLN A 9 3.51 -0.58 4.04
CA GLN A 9 3.83 0.69 3.40
C GLN A 9 2.77 1.06 2.38
N PRO A 10 2.65 2.36 2.04
CA PRO A 10 1.66 2.84 1.07
C PRO A 10 2.08 2.57 -0.37
N CYS A 11 1.18 1.96 -1.13
CA CYS A 11 1.45 1.65 -2.53
C CYS A 11 0.45 2.36 -3.44
N PRO A 12 0.90 2.82 -4.62
CA PRO A 12 0.05 3.52 -5.58
C PRO A 12 -0.85 2.56 -6.36
N TYR A 13 -0.28 1.42 -6.75
CA TYR A 13 -1.01 0.41 -7.48
C TYR A 13 -0.58 -0.99 -7.06
N ASN A 14 -1.38 -1.99 -7.39
CA ASN A 14 -1.06 -3.37 -7.06
C ASN A 14 0.13 -3.84 -7.87
N GLU A 15 0.55 -3.02 -8.83
CA GLU A 15 1.68 -3.36 -9.69
C GLU A 15 2.98 -2.76 -9.15
N ASN A 16 2.92 -2.20 -7.95
CA ASN A 16 4.09 -1.59 -7.33
C ASN A 16 4.30 -2.14 -5.92
N CYS A 17 3.56 -3.18 -5.57
CA CYS A 17 3.67 -3.80 -4.25
C CYS A 17 4.75 -4.87 -4.25
N CYS A 18 5.46 -4.99 -3.14
CA CYS A 18 6.51 -5.99 -3.01
C CYS A 18 5.90 -7.37 -3.15
N SER A 19 4.71 -7.52 -2.60
CA SER A 19 3.97 -8.77 -2.64
C SER A 19 3.06 -8.81 -3.87
N GLN A 20 2.96 -7.68 -4.57
CA GLN A 20 2.11 -7.58 -5.76
C GLN A 20 0.65 -7.48 -5.36
N SER A 21 0.39 -7.33 -4.05
CA SER A 21 -0.97 -7.23 -3.56
C SER A 21 -1.19 -5.92 -2.82
N CYS A 22 -1.93 -5.00 -3.45
CA CYS A 22 -2.22 -3.70 -2.84
C CYS A 22 -3.64 -3.71 -2.26
N THR A 23 -3.84 -2.97 -1.17
CA THR A 23 -5.15 -2.91 -0.54
C THR A 23 -5.47 -1.47 -0.15
N PHE A 24 -6.66 -1.26 0.39
CA PHE A 24 -7.10 0.08 0.80
C PHE A 24 -7.48 0.09 2.28
N LYS A 25 -6.73 0.83 3.07
CA LYS A 25 -7.01 0.93 4.51
C LYS A 25 -7.53 2.32 4.85
N GLU A 26 -8.37 2.40 5.88
CA GLU A 26 -8.95 3.67 6.30
C GLU A 26 -8.15 4.29 7.43
N ASN A 27 -8.04 5.62 7.41
CA ASN A 27 -7.32 6.35 8.44
C ASN A 27 -8.28 6.96 9.44
N GLU A 28 -7.76 7.79 10.33
CA GLU A 28 -8.58 8.44 11.34
C GLU A 28 -9.05 9.80 10.82
N ASN A 29 -8.34 10.33 9.84
CA ASN A 29 -8.68 11.63 9.25
C ASN A 29 -10.05 11.54 8.58
N GLY A 30 -10.48 10.32 8.30
CA GLY A 30 -11.77 10.10 7.65
C GLY A 30 -11.60 9.85 6.17
N ASN A 31 -10.39 9.48 5.77
CA ASN A 31 -10.08 9.20 4.37
C ASN A 31 -9.57 7.77 4.23
N THR A 32 -9.19 7.40 3.03
CA THR A 32 -8.69 6.05 2.78
C THR A 32 -7.52 6.07 1.80
N VAL A 33 -6.47 5.32 2.12
CA VAL A 33 -5.30 5.23 1.26
C VAL A 33 -5.05 3.78 0.90
N LYS A 34 -4.00 3.52 0.13
CA LYS A 34 -3.68 2.16 -0.28
C LYS A 34 -2.32 1.75 0.29
N ARG A 35 -2.26 0.54 0.84
CA ARG A 35 -1.02 0.02 1.42
C ARG A 35 -0.64 -1.29 0.74
N CYS A 36 0.35 -1.98 1.29
CA CYS A 36 0.80 -3.24 0.75
C CYS A 36 0.43 -4.39 1.66
N ASP A 37 0.21 -5.56 1.08
CA ASP A 37 -0.16 -6.75 1.84
C ASP A 37 1.08 -7.42 2.43
N SER A 1 9.59 6.09 -2.41
CA SER A 1 10.26 4.90 -1.81
C SER A 1 11.47 4.50 -2.64
N PRO A 2 12.42 3.78 -2.01
CA PRO A 2 13.64 3.33 -2.69
C PRO A 2 13.37 2.12 -3.59
N THR A 3 12.44 1.27 -3.17
CA THR A 3 12.08 0.08 -3.92
C THR A 3 10.57 -0.15 -3.84
N CYS A 4 10.15 -1.39 -3.99
CA CYS A 4 8.74 -1.74 -3.94
C CYS A 4 8.17 -1.39 -2.57
N ILE A 5 6.85 -1.22 -2.50
CA ILE A 5 6.19 -0.88 -1.25
C ILE A 5 6.02 -2.14 -0.40
N PRO A 6 6.77 -2.24 0.70
CA PRO A 6 6.71 -3.40 1.60
C PRO A 6 5.40 -3.47 2.37
N SER A 7 5.07 -4.67 2.81
CA SER A 7 3.85 -4.92 3.57
C SER A 7 3.73 -3.93 4.72
N GLY A 8 2.61 -3.21 4.77
CA GLY A 8 2.37 -2.23 5.83
C GLY A 8 2.69 -0.81 5.35
N GLN A 9 3.01 -0.68 4.07
CA GLN A 9 3.34 0.62 3.50
C GLN A 9 2.31 1.00 2.44
N PRO A 10 2.19 2.30 2.14
CA PRO A 10 1.24 2.81 1.13
C PRO A 10 1.73 2.58 -0.29
N CYS A 11 0.90 1.93 -1.10
CA CYS A 11 1.23 1.65 -2.50
C CYS A 11 0.23 2.33 -3.42
N PRO A 12 0.70 2.79 -4.59
CA PRO A 12 -0.16 3.47 -5.58
C PRO A 12 -0.99 2.46 -6.38
N TYR A 13 -0.39 1.34 -6.71
CA TYR A 13 -1.08 0.28 -7.47
C TYR A 13 -0.58 -1.08 -7.05
N ASN A 14 -1.34 -2.12 -7.38
CA ASN A 14 -0.96 -3.48 -7.05
C ASN A 14 0.27 -3.90 -7.86
N GLU A 15 0.63 -3.06 -8.83
CA GLU A 15 1.78 -3.33 -9.70
C GLU A 15 3.03 -2.67 -9.16
N ASN A 16 2.97 -2.22 -7.91
CA ASN A 16 4.13 -1.57 -7.29
C ASN A 16 4.30 -2.04 -5.85
N CYS A 17 3.76 -3.21 -5.53
CA CYS A 17 3.86 -3.76 -4.19
C CYS A 17 4.92 -4.85 -4.14
N CYS A 18 5.65 -4.91 -3.02
CA CYS A 18 6.68 -5.92 -2.84
C CYS A 18 6.06 -7.30 -2.95
N SER A 19 4.86 -7.44 -2.38
CA SER A 19 4.13 -8.70 -2.40
C SER A 19 3.24 -8.77 -3.63
N GLN A 20 3.17 -7.67 -4.38
CA GLN A 20 2.36 -7.60 -5.60
C GLN A 20 0.88 -7.48 -5.25
N SER A 21 0.58 -7.33 -3.95
CA SER A 21 -0.80 -7.22 -3.51
C SER A 21 -1.05 -5.86 -2.85
N CYS A 22 -1.95 -5.08 -3.43
CA CYS A 22 -2.30 -3.77 -2.90
C CYS A 22 -3.75 -3.76 -2.43
N THR A 23 -4.00 -3.12 -1.30
CA THR A 23 -5.34 -3.05 -0.73
C THR A 23 -5.70 -1.61 -0.37
N PHE A 24 -6.91 -1.39 0.10
CA PHE A 24 -7.37 -0.07 0.49
C PHE A 24 -7.86 -0.08 1.93
N LYS A 25 -7.14 0.62 2.80
CA LYS A 25 -7.50 0.68 4.22
C LYS A 25 -7.82 2.11 4.61
N GLU A 26 -8.60 2.28 5.67
CA GLU A 26 -8.98 3.60 6.13
C GLU A 26 -7.97 4.13 7.15
N ASN A 27 -7.84 5.45 7.22
CA ASN A 27 -6.92 6.10 8.14
C ASN A 27 -7.68 6.73 9.30
N GLU A 28 -6.98 7.53 10.09
CA GLU A 28 -7.58 8.20 11.23
C GLU A 28 -8.11 9.58 10.82
N ASN A 29 -7.35 10.26 9.97
CA ASN A 29 -7.73 11.58 9.50
C ASN A 29 -9.20 11.60 9.12
N GLY A 30 -9.58 10.70 8.22
CA GLY A 30 -10.96 10.60 7.77
C GLY A 30 -11.03 10.30 6.28
N ASN A 31 -10.12 9.45 5.80
CA ASN A 31 -10.08 9.09 4.39
C ASN A 31 -9.64 7.64 4.24
N THR A 32 -9.32 7.25 3.00
CA THR A 32 -8.86 5.89 2.75
C THR A 32 -7.74 5.89 1.71
N VAL A 33 -6.68 5.15 2.00
CA VAL A 33 -5.54 5.06 1.10
C VAL A 33 -5.26 3.60 0.77
N LYS A 34 -4.22 3.35 -0.02
CA LYS A 34 -3.87 1.99 -0.40
C LYS A 34 -2.55 1.59 0.26
N ARG A 35 -2.50 0.36 0.77
CA ARG A 35 -1.31 -0.16 1.42
C ARG A 35 -0.88 -1.46 0.76
N CYS A 36 0.09 -2.14 1.37
CA CYS A 36 0.59 -3.40 0.83
C CYS A 36 0.23 -4.56 1.77
N ASP A 37 -0.41 -5.57 1.21
CA ASP A 37 -0.81 -6.74 2.00
C ASP A 37 0.39 -7.32 2.73
N SER A 1 18.71 3.87 -3.39
CA SER A 1 17.38 4.04 -4.01
C SER A 1 16.37 3.09 -3.38
N PRO A 2 15.08 3.45 -3.43
CA PRO A 2 14.00 2.63 -2.87
C PRO A 2 13.63 1.46 -3.77
N THR A 3 12.82 0.55 -3.24
CA THR A 3 12.38 -0.61 -4.00
C THR A 3 10.86 -0.77 -3.89
N CYS A 4 10.38 -2.00 -4.07
CA CYS A 4 8.95 -2.26 -3.99
C CYS A 4 8.40 -1.84 -2.63
N ILE A 5 7.11 -1.52 -2.59
CA ILE A 5 6.47 -1.09 -1.35
C ILE A 5 6.15 -2.30 -0.49
N PRO A 6 6.85 -2.44 0.64
CA PRO A 6 6.64 -3.57 1.56
C PRO A 6 5.31 -3.47 2.30
N SER A 7 4.85 -4.62 2.80
CA SER A 7 3.58 -4.69 3.53
C SER A 7 3.53 -3.66 4.64
N GLY A 8 2.49 -2.82 4.62
CA GLY A 8 2.31 -1.79 5.63
C GLY A 8 2.52 -0.40 5.06
N GLN A 9 3.31 -0.31 4.00
CA GLN A 9 3.61 0.97 3.37
C GLN A 9 2.57 1.27 2.29
N PRO A 10 2.44 2.55 1.89
CA PRO A 10 1.48 2.97 0.86
C PRO A 10 1.95 2.63 -0.54
N CYS A 11 1.06 2.05 -1.33
CA CYS A 11 1.36 1.68 -2.70
C CYS A 11 0.36 2.30 -3.66
N PRO A 12 0.83 2.79 -4.83
CA PRO A 12 -0.03 3.41 -5.84
C PRO A 12 -0.78 2.38 -6.68
N TYR A 13 -0.13 1.25 -6.94
CA TYR A 13 -0.73 0.19 -7.73
C TYR A 13 -0.37 -1.18 -7.17
N ASN A 14 -1.18 -2.18 -7.48
CA ASN A 14 -0.93 -3.54 -7.02
C ASN A 14 0.34 -4.09 -7.66
N GLU A 15 0.85 -3.37 -8.66
CA GLU A 15 2.05 -3.77 -9.37
C GLU A 15 3.31 -3.24 -8.67
N ASN A 16 3.14 -2.14 -7.93
CA ASN A 16 4.26 -1.53 -7.23
C ASN A 16 4.40 -2.08 -5.82
N CYS A 17 3.69 -3.17 -5.54
CA CYS A 17 3.74 -3.79 -4.23
C CYS A 17 4.78 -4.90 -4.20
N CYS A 18 5.44 -5.06 -3.05
CA CYS A 18 6.45 -6.09 -2.89
C CYS A 18 5.81 -7.45 -3.09
N SER A 19 4.58 -7.58 -2.59
CA SER A 19 3.82 -8.81 -2.70
C SER A 19 2.94 -8.79 -3.95
N GLN A 20 2.94 -7.65 -4.65
CA GLN A 20 2.14 -7.47 -5.86
C GLN A 20 0.66 -7.37 -5.51
N SER A 21 0.35 -7.30 -4.21
CA SER A 21 -1.03 -7.19 -3.76
C SER A 21 -1.25 -5.89 -2.99
N CYS A 22 -2.00 -4.97 -3.58
CA CYS A 22 -2.30 -3.69 -2.94
C CYS A 22 -3.71 -3.70 -2.37
N THR A 23 -3.91 -3.03 -1.24
CA THR A 23 -5.21 -2.98 -0.59
C THR A 23 -5.56 -1.53 -0.21
N PHE A 24 -6.77 -1.35 0.32
CA PHE A 24 -7.24 -0.03 0.73
C PHE A 24 -7.62 -0.05 2.21
N LYS A 25 -6.88 0.68 3.03
CA LYS A 25 -7.15 0.76 4.47
C LYS A 25 -7.65 2.16 4.82
N GLU A 26 -8.34 2.27 5.95
CA GLU A 26 -8.87 3.55 6.38
C GLU A 26 -7.97 4.18 7.45
N ASN A 27 -7.78 5.48 7.36
CA ASN A 27 -6.96 6.22 8.31
C ASN A 27 -7.83 6.82 9.41
N GLU A 28 -7.21 7.60 10.27
CA GLU A 28 -7.91 8.25 11.37
C GLU A 28 -8.42 9.62 10.94
N ASN A 29 -7.85 10.13 9.84
CA ASN A 29 -8.24 11.43 9.31
C ASN A 29 -9.66 11.38 8.76
N GLY A 30 -10.16 10.16 8.55
CA GLY A 30 -11.50 9.97 8.03
C GLY A 30 -11.46 9.70 6.53
N ASN A 31 -10.29 9.32 6.03
CA ASN A 31 -10.13 9.03 4.61
C ASN A 31 -9.65 7.59 4.44
N THR A 32 -9.32 7.22 3.20
CA THR A 32 -8.85 5.88 2.92
C THR A 32 -7.73 5.91 1.88
N VAL A 33 -6.65 5.20 2.17
CA VAL A 33 -5.50 5.15 1.27
C VAL A 33 -5.22 3.70 0.89
N LYS A 34 -4.23 3.49 0.03
CA LYS A 34 -3.87 2.14 -0.39
C LYS A 34 -2.50 1.77 0.15
N ARG A 35 -2.41 0.59 0.76
CA ARG A 35 -1.15 0.11 1.33
C ARG A 35 -0.75 -1.20 0.67
N CYS A 36 0.25 -1.86 1.23
CA CYS A 36 0.72 -3.14 0.68
C CYS A 36 0.34 -4.29 1.60
N ASP A 37 0.00 -5.42 1.00
CA ASP A 37 -0.40 -6.60 1.75
C ASP A 37 0.82 -7.27 2.38
N SER A 1 16.87 1.79 -0.51
CA SER A 1 15.72 2.15 0.37
C SER A 1 14.46 2.30 -0.48
N PRO A 2 14.54 3.11 -1.55
CA PRO A 2 13.41 3.35 -2.45
C PRO A 2 13.17 2.19 -3.40
N THR A 3 12.39 1.22 -2.95
CA THR A 3 12.07 0.05 -3.76
C THR A 3 10.57 -0.25 -3.68
N CYS A 4 10.19 -1.51 -3.92
CA CYS A 4 8.79 -1.89 -3.87
C CYS A 4 8.21 -1.59 -2.51
N ILE A 5 6.90 -1.35 -2.46
CA ILE A 5 6.22 -1.04 -1.20
C ILE A 5 5.98 -2.31 -0.40
N PRO A 6 6.72 -2.50 0.69
CA PRO A 6 6.57 -3.68 1.54
C PRO A 6 5.25 -3.67 2.30
N SER A 7 4.85 -4.85 2.77
CA SER A 7 3.59 -5.00 3.51
C SER A 7 3.54 -4.01 4.68
N GLY A 8 2.55 -3.11 4.65
CA GLY A 8 2.38 -2.12 5.71
C GLY A 8 2.56 -0.70 5.19
N GLN A 9 3.30 -0.57 4.09
CA GLN A 9 3.56 0.73 3.49
C GLN A 9 2.49 1.05 2.46
N PRO A 10 2.36 2.34 2.10
CA PRO A 10 1.36 2.79 1.12
C PRO A 10 1.80 2.53 -0.32
N CYS A 11 0.90 1.94 -1.11
CA CYS A 11 1.18 1.63 -2.51
C CYS A 11 0.11 2.24 -3.41
N PRO A 12 0.53 2.77 -4.57
CA PRO A 12 -0.39 3.39 -5.54
C PRO A 12 -1.15 2.36 -6.36
N TYR A 13 -0.44 1.30 -6.76
CA TYR A 13 -1.04 0.24 -7.55
C TYR A 13 -0.56 -1.12 -7.06
N ASN A 14 -1.30 -2.17 -7.41
CA ASN A 14 -0.94 -3.52 -7.00
C ASN A 14 0.33 -3.96 -7.73
N GLU A 15 0.79 -3.15 -8.67
CA GLU A 15 1.99 -3.47 -9.46
C GLU A 15 3.22 -2.86 -8.80
N ASN A 16 3.02 -1.96 -7.86
CA ASN A 16 4.13 -1.30 -7.17
C ASN A 16 4.31 -1.87 -5.77
N CYS A 17 3.72 -3.05 -5.52
CA CYS A 17 3.83 -3.69 -4.22
C CYS A 17 4.93 -4.74 -4.23
N CYS A 18 5.58 -4.93 -3.09
CA CYS A 18 6.63 -5.92 -2.97
C CYS A 18 6.06 -7.30 -3.24
N SER A 19 4.85 -7.51 -2.75
CA SER A 19 4.14 -8.77 -2.93
C SER A 19 3.21 -8.68 -4.13
N GLN A 20 3.14 -7.51 -4.75
CA GLN A 20 2.29 -7.29 -5.91
C GLN A 20 0.83 -7.20 -5.50
N SER A 21 0.56 -7.31 -4.19
CA SER A 21 -0.79 -7.24 -3.68
C SER A 21 -1.03 -5.94 -2.94
N CYS A 22 -1.94 -5.12 -3.46
CA CYS A 22 -2.28 -3.84 -2.84
C CYS A 22 -3.69 -3.89 -2.29
N THR A 23 -3.97 -3.08 -1.26
CA THR A 23 -5.29 -3.05 -0.64
C THR A 23 -5.63 -1.62 -0.23
N PHE A 24 -6.84 -1.44 0.31
CA PHE A 24 -7.28 -0.11 0.74
C PHE A 24 -7.63 -0.13 2.22
N LYS A 25 -6.93 0.70 3.00
CA LYS A 25 -7.18 0.78 4.43
C LYS A 25 -7.66 2.18 4.80
N GLU A 26 -8.41 2.28 5.90
CA GLU A 26 -8.95 3.55 6.34
C GLU A 26 -7.97 4.25 7.28
N ASN A 27 -7.84 5.56 7.12
CA ASN A 27 -6.95 6.36 7.95
C ASN A 27 -7.74 7.05 9.06
N GLU A 28 -7.04 7.86 9.86
CA GLU A 28 -7.66 8.58 10.95
C GLU A 28 -8.12 9.96 10.46
N ASN A 29 -7.61 10.36 9.30
CA ASN A 29 -7.96 11.66 8.73
C ASN A 29 -9.41 11.63 8.22
N GLY A 30 -9.98 10.43 8.15
CA GLY A 30 -11.35 10.27 7.69
C GLY A 30 -11.38 9.93 6.20
N ASN A 31 -10.25 9.45 5.69
CA ASN A 31 -10.14 9.08 4.27
C ASN A 31 -9.73 7.63 4.15
N THR A 32 -9.40 7.21 2.94
CA THR A 32 -8.98 5.83 2.69
C THR A 32 -7.85 5.81 1.67
N VAL A 33 -6.73 5.17 2.05
CA VAL A 33 -5.58 5.08 1.16
C VAL A 33 -5.32 3.62 0.82
N LYS A 34 -4.24 3.36 0.11
CA LYS A 34 -3.89 2.00 -0.29
C LYS A 34 -2.54 1.62 0.31
N ARG A 35 -2.44 0.39 0.80
CA ARG A 35 -1.21 -0.11 1.39
C ARG A 35 -0.82 -1.43 0.74
N CYS A 36 0.18 -2.09 1.31
CA CYS A 36 0.65 -3.37 0.76
C CYS A 36 0.28 -4.52 1.70
N ASP A 37 -0.46 -5.48 1.17
CA ASP A 37 -0.89 -6.64 1.95
C ASP A 37 0.32 -7.35 2.54
N SER A 1 13.03 -2.22 2.80
CA SER A 1 12.44 -1.69 1.55
C SER A 1 13.53 -1.45 0.52
N PRO A 2 13.74 -2.44 -0.37
CA PRO A 2 14.77 -2.35 -1.42
C PRO A 2 14.32 -1.45 -2.58
N THR A 3 13.11 -1.68 -3.04
CA THR A 3 12.55 -0.90 -4.15
C THR A 3 11.03 -0.94 -4.11
N CYS A 4 10.49 -2.15 -4.01
CA CYS A 4 9.05 -2.35 -3.96
C CYS A 4 8.49 -1.94 -2.61
N ILE A 5 7.21 -1.60 -2.56
CA ILE A 5 6.56 -1.20 -1.31
C ILE A 5 6.23 -2.42 -0.47
N PRO A 6 6.91 -2.58 0.66
CA PRO A 6 6.68 -3.72 1.56
C PRO A 6 5.37 -3.59 2.32
N SER A 7 4.87 -4.72 2.80
CA SER A 7 3.62 -4.76 3.56
C SER A 7 3.62 -3.72 4.67
N GLY A 8 2.59 -2.87 4.69
CA GLY A 8 2.47 -1.84 5.72
C GLY A 8 2.66 -0.44 5.13
N GLN A 9 3.44 -0.37 4.05
CA GLN A 9 3.71 0.90 3.39
C GLN A 9 2.66 1.18 2.32
N PRO A 10 2.54 2.45 1.90
CA PRO A 10 1.57 2.86 0.88
C PRO A 10 2.03 2.50 -0.53
N CYS A 11 1.11 1.98 -1.33
CA CYS A 11 1.40 1.61 -2.71
C CYS A 11 0.38 2.22 -3.67
N PRO A 12 0.84 2.67 -4.84
CA PRO A 12 -0.03 3.28 -5.85
C PRO A 12 -0.85 2.24 -6.62
N TYR A 13 -0.17 1.20 -7.08
CA TYR A 13 -0.82 0.13 -7.82
C TYR A 13 -0.44 -1.23 -7.24
N ASN A 14 -1.24 -2.25 -7.54
CA ASN A 14 -0.99 -3.59 -7.05
C ASN A 14 0.26 -4.17 -7.72
N GLU A 15 0.81 -3.44 -8.70
CA GLU A 15 1.99 -3.88 -9.42
C GLU A 15 3.26 -3.30 -8.80
N ASN A 16 3.09 -2.32 -7.91
CA ASN A 16 4.23 -1.67 -7.26
C ASN A 16 4.41 -2.22 -5.84
N CYS A 17 3.66 -3.26 -5.50
CA CYS A 17 3.76 -3.87 -4.18
C CYS A 17 4.78 -4.99 -4.18
N CYS A 18 5.48 -5.16 -3.06
CA CYS A 18 6.48 -6.21 -2.93
C CYS A 18 5.82 -7.56 -3.12
N SER A 19 4.61 -7.69 -2.61
CA SER A 19 3.84 -8.91 -2.73
C SER A 19 2.96 -8.86 -3.97
N GLN A 20 2.88 -7.69 -4.59
CA GLN A 20 2.07 -7.50 -5.79
C GLN A 20 0.59 -7.39 -5.43
N SER A 21 0.30 -7.35 -4.13
CA SER A 21 -1.07 -7.24 -3.66
C SER A 21 -1.28 -5.93 -2.92
N CYS A 22 -2.01 -5.01 -3.53
CA CYS A 22 -2.30 -3.71 -2.92
C CYS A 22 -3.71 -3.71 -2.35
N THR A 23 -3.89 -3.02 -1.23
CA THR A 23 -5.21 -2.95 -0.60
C THR A 23 -5.52 -1.52 -0.17
N PHE A 24 -6.72 -1.31 0.36
CA PHE A 24 -7.15 0.02 0.80
C PHE A 24 -7.46 -0.01 2.29
N LYS A 25 -6.69 0.76 3.07
CA LYS A 25 -6.89 0.83 4.51
C LYS A 25 -7.51 2.17 4.88
N GLU A 26 -8.25 2.20 5.99
CA GLU A 26 -8.90 3.43 6.43
C GLU A 26 -8.04 4.14 7.47
N ASN A 27 -7.98 5.47 7.35
CA ASN A 27 -7.20 6.29 8.27
C ASN A 27 -8.10 6.90 9.33
N GLU A 28 -7.51 7.71 10.20
CA GLU A 28 -8.25 8.37 11.26
C GLU A 28 -8.75 9.73 10.78
N ASN A 29 -8.17 10.22 9.69
CA ASN A 29 -8.55 11.50 9.12
C ASN A 29 -9.95 11.42 8.53
N GLY A 30 -10.44 10.19 8.37
CA GLY A 30 -11.77 9.97 7.81
C GLY A 30 -11.69 9.71 6.32
N ASN A 31 -10.51 9.29 5.87
CA ASN A 31 -10.28 9.00 4.46
C ASN A 31 -9.78 7.57 4.30
N THR A 32 -9.41 7.20 3.09
CA THR A 32 -8.91 5.85 2.82
C THR A 32 -7.75 5.90 1.83
N VAL A 33 -6.66 5.23 2.18
CA VAL A 33 -5.48 5.18 1.32
C VAL A 33 -5.23 3.74 0.90
N LYS A 34 -4.15 3.51 0.16
CA LYS A 34 -3.81 2.17 -0.29
C LYS A 34 -2.46 1.76 0.25
N ARG A 35 -2.41 0.60 0.90
CA ARG A 35 -1.17 0.09 1.47
C ARG A 35 -0.77 -1.21 0.79
N CYS A 36 0.23 -1.89 1.34
CA CYS A 36 0.71 -3.14 0.78
C CYS A 36 0.35 -4.30 1.68
N ASP A 37 -0.36 -5.27 1.12
CA ASP A 37 -0.77 -6.47 1.85
C ASP A 37 0.37 -6.97 2.73
N SER A 1 14.60 7.11 -2.58
CA SER A 1 13.85 6.27 -3.54
C SER A 1 14.01 4.79 -3.19
N PRO A 2 13.09 4.27 -2.37
CA PRO A 2 13.11 2.86 -1.95
C PRO A 2 12.60 1.91 -3.03
N THR A 3 12.70 0.62 -2.77
CA THR A 3 12.24 -0.39 -3.73
C THR A 3 10.74 -0.59 -3.60
N CYS A 4 10.26 -1.78 -3.96
CA CYS A 4 8.85 -2.09 -3.90
C CYS A 4 8.27 -1.67 -2.55
N ILE A 5 6.97 -1.40 -2.53
CA ILE A 5 6.29 -0.97 -1.31
C ILE A 5 5.99 -2.18 -0.44
N PRO A 6 6.72 -2.33 0.67
CA PRO A 6 6.51 -3.45 1.61
C PRO A 6 5.18 -3.38 2.32
N SER A 7 4.74 -4.51 2.84
CA SER A 7 3.47 -4.60 3.56
C SER A 7 3.39 -3.54 4.66
N GLY A 8 2.33 -2.74 4.65
CA GLY A 8 2.13 -1.69 5.63
C GLY A 8 2.35 -0.31 5.04
N GLN A 9 3.16 -0.23 3.99
CA GLN A 9 3.47 1.03 3.33
C GLN A 9 2.46 1.30 2.22
N PRO A 10 2.33 2.57 1.81
CA PRO A 10 1.40 2.97 0.75
C PRO A 10 1.91 2.64 -0.65
N CYS A 11 1.09 1.95 -1.42
CA CYS A 11 1.45 1.56 -2.79
C CYS A 11 0.49 2.21 -3.79
N PRO A 12 1.00 2.58 -4.97
CA PRO A 12 0.19 3.20 -6.02
C PRO A 12 -0.65 2.18 -6.78
N TYR A 13 0.00 1.10 -7.22
CA TYR A 13 -0.69 0.04 -7.95
C TYR A 13 -0.34 -1.31 -7.35
N ASN A 14 -1.16 -2.31 -7.64
CA ASN A 14 -0.93 -3.65 -7.14
C ASN A 14 0.30 -4.27 -7.80
N GLU A 15 0.86 -3.55 -8.78
CA GLU A 15 2.04 -4.02 -9.50
C GLU A 15 3.31 -3.42 -8.92
N ASN A 16 3.16 -2.44 -8.04
CA ASN A 16 4.30 -1.78 -7.43
C ASN A 16 4.48 -2.21 -5.97
N CYS A 17 3.74 -3.24 -5.58
CA CYS A 17 3.83 -3.76 -4.21
C CYS A 17 4.85 -4.87 -4.12
N CYS A 18 5.52 -4.96 -2.97
CA CYS A 18 6.52 -6.00 -2.76
C CYS A 18 5.88 -7.37 -2.92
N SER A 19 4.65 -7.49 -2.42
CA SER A 19 3.91 -8.73 -2.51
C SER A 19 3.05 -8.74 -3.77
N GLN A 20 2.96 -7.59 -4.44
CA GLN A 20 2.17 -7.47 -5.66
C GLN A 20 0.69 -7.40 -5.33
N SER A 21 0.37 -7.29 -4.04
CA SER A 21 -1.03 -7.21 -3.61
C SER A 21 -1.29 -5.88 -2.91
N CYS A 22 -1.99 -4.98 -3.60
CA CYS A 22 -2.31 -3.67 -3.04
C CYS A 22 -3.75 -3.67 -2.52
N THR A 23 -3.97 -2.97 -1.41
CA THR A 23 -5.31 -2.88 -0.82
C THR A 23 -5.61 -1.46 -0.39
N PHE A 24 -6.83 -1.23 0.08
CA PHE A 24 -7.25 0.10 0.52
C PHE A 24 -7.58 0.08 2.01
N LYS A 25 -6.79 0.80 2.80
CA LYS A 25 -7.01 0.87 4.24
C LYS A 25 -7.55 2.25 4.61
N GLU A 26 -8.21 2.34 5.76
CA GLU A 26 -8.78 3.59 6.22
C GLU A 26 -7.98 4.15 7.38
N ASN A 27 -7.74 5.46 7.35
CA ASN A 27 -6.99 6.13 8.42
C ASN A 27 -7.94 6.67 9.47
N GLU A 28 -7.40 7.45 10.39
CA GLU A 28 -8.18 8.04 11.45
C GLU A 28 -8.72 9.41 11.02
N ASN A 29 -8.10 9.96 9.98
CA ASN A 29 -8.51 11.26 9.47
C ASN A 29 -9.88 11.15 8.80
N GLY A 30 -10.33 9.92 8.57
CA GLY A 30 -11.61 9.68 7.95
C GLY A 30 -11.46 9.49 6.44
N ASN A 31 -10.23 9.25 6.02
CA ASN A 31 -9.94 9.04 4.60
C ASN A 31 -9.53 7.61 4.37
N THR A 32 -9.24 7.27 3.11
CA THR A 32 -8.82 5.92 2.76
C THR A 32 -7.73 5.97 1.69
N VAL A 33 -6.61 5.29 1.96
CA VAL A 33 -5.50 5.24 1.03
C VAL A 33 -5.24 3.80 0.64
N LYS A 34 -4.22 3.58 -0.18
CA LYS A 34 -3.88 2.23 -0.61
C LYS A 34 -2.54 1.82 -0.03
N ARG A 35 -2.53 0.72 0.71
CA ARG A 35 -1.32 0.21 1.33
C ARG A 35 -0.92 -1.11 0.69
N CYS A 36 0.06 -1.78 1.28
CA CYS A 36 0.54 -3.05 0.76
C CYS A 36 0.16 -4.19 1.70
N ASP A 37 -0.17 -5.34 1.12
CA ASP A 37 -0.56 -6.51 1.88
C ASP A 37 0.57 -6.96 2.79
N SER A 1 15.73 1.81 2.16
CA SER A 1 15.66 0.73 1.13
C SER A 1 14.72 1.14 0.00
N PRO A 2 15.27 1.68 -1.09
CA PRO A 2 14.48 2.13 -2.25
C PRO A 2 14.09 0.97 -3.16
N THR A 3 13.21 0.10 -2.65
CA THR A 3 12.75 -1.06 -3.42
C THR A 3 11.23 -1.06 -3.45
N CYS A 4 10.64 -2.23 -3.67
CA CYS A 4 9.20 -2.38 -3.72
C CYS A 4 8.58 -1.93 -2.40
N ILE A 5 7.30 -1.60 -2.42
CA ILE A 5 6.60 -1.16 -1.22
C ILE A 5 6.22 -2.36 -0.36
N PRO A 6 6.79 -2.44 0.86
CA PRO A 6 6.51 -3.54 1.77
C PRO A 6 5.15 -3.44 2.42
N SER A 7 4.65 -4.57 2.92
CA SER A 7 3.34 -4.63 3.56
C SER A 7 3.23 -3.58 4.67
N GLY A 8 2.17 -2.79 4.61
CA GLY A 8 1.93 -1.75 5.61
C GLY A 8 2.20 -0.36 5.05
N GLN A 9 2.99 -0.30 3.98
CA GLN A 9 3.32 0.97 3.34
C GLN A 9 2.30 1.30 2.26
N PRO A 10 2.17 2.59 1.92
CA PRO A 10 1.21 3.05 0.91
C PRO A 10 1.70 2.80 -0.52
N CYS A 11 0.88 2.08 -1.29
CA CYS A 11 1.21 1.77 -2.68
C CYS A 11 0.13 2.32 -3.61
N PRO A 12 0.53 2.88 -4.76
CA PRO A 12 -0.41 3.45 -5.73
C PRO A 12 -1.07 2.37 -6.59
N TYR A 13 -0.29 1.38 -7.01
CA TYR A 13 -0.80 0.29 -7.82
C TYR A 13 -0.34 -1.05 -7.26
N ASN A 14 -1.06 -2.11 -7.61
CA ASN A 14 -0.73 -3.45 -7.15
C ASN A 14 0.58 -3.91 -7.78
N GLU A 15 1.10 -3.13 -8.73
CA GLU A 15 2.34 -3.46 -9.41
C GLU A 15 3.54 -2.90 -8.66
N ASN A 16 3.28 -1.98 -7.74
CA ASN A 16 4.33 -1.35 -6.96
C ASN A 16 4.44 -1.99 -5.57
N CYS A 17 3.74 -3.10 -5.38
CA CYS A 17 3.76 -3.80 -4.09
C CYS A 17 4.83 -4.89 -4.11
N CYS A 18 5.43 -5.13 -2.94
CA CYS A 18 6.44 -6.16 -2.80
C CYS A 18 5.82 -7.52 -3.06
N SER A 19 4.57 -7.65 -2.63
CA SER A 19 3.81 -8.88 -2.80
C SER A 19 2.98 -8.80 -4.07
N GLN A 20 3.00 -7.63 -4.72
CA GLN A 20 2.23 -7.42 -5.95
C GLN A 20 0.74 -7.33 -5.63
N SER A 21 0.41 -7.28 -4.34
CA SER A 21 -1.00 -7.20 -3.92
C SER A 21 -1.24 -5.92 -3.13
N CYS A 22 -1.92 -4.96 -3.76
CA CYS A 22 -2.24 -3.70 -3.11
C CYS A 22 -3.69 -3.72 -2.62
N THR A 23 -3.93 -3.10 -1.46
CA THR A 23 -5.27 -3.07 -0.88
C THR A 23 -5.61 -1.65 -0.45
N PHE A 24 -6.83 -1.46 0.06
CA PHE A 24 -7.29 -0.16 0.52
C PHE A 24 -7.64 -0.22 2.02
N LYS A 25 -6.91 0.54 2.83
CA LYS A 25 -7.14 0.58 4.26
C LYS A 25 -7.59 1.96 4.69
N GLU A 26 -8.37 2.04 5.76
CA GLU A 26 -8.86 3.32 6.26
C GLU A 26 -7.90 3.92 7.26
N ASN A 27 -7.84 5.25 7.30
CA ASN A 27 -6.96 5.96 8.22
C ASN A 27 -7.78 6.63 9.31
N GLU A 28 -7.11 7.43 10.14
CA GLU A 28 -7.76 8.13 11.23
C GLU A 28 -8.22 9.51 10.76
N ASN A 29 -7.43 10.12 9.88
CA ASN A 29 -7.75 11.44 9.35
C ASN A 29 -9.22 11.51 8.96
N GLY A 30 -9.72 10.43 8.38
CA GLY A 30 -11.11 10.38 7.95
C GLY A 30 -11.22 10.06 6.47
N ASN A 31 -10.26 9.30 5.96
CA ASN A 31 -10.25 8.92 4.55
C ASN A 31 -9.75 7.50 4.39
N THR A 32 -9.45 7.11 3.15
CA THR A 32 -8.95 5.77 2.88
C THR A 32 -7.87 5.81 1.82
N VAL A 33 -6.76 5.11 2.07
CA VAL A 33 -5.66 5.07 1.12
C VAL A 33 -5.38 3.64 0.74
N LYS A 34 -4.34 3.42 -0.06
CA LYS A 34 -3.97 2.08 -0.48
C LYS A 34 -2.63 1.70 0.12
N ARG A 35 -2.57 0.52 0.73
CA ARG A 35 -1.34 0.03 1.34
C ARG A 35 -0.89 -1.26 0.65
N CYS A 36 0.13 -1.90 1.20
CA CYS A 36 0.66 -3.13 0.64
C CYS A 36 0.29 -4.32 1.51
N ASP A 37 0.00 -5.45 0.86
CA ASP A 37 -0.37 -6.67 1.57
C ASP A 37 0.88 -7.35 2.14
#